data_8BVE
#
_entry.id   8BVE
#
_cell.length_a   94.443
_cell.length_b   94.443
_cell.length_c   230.564
_cell.angle_alpha   90.00
_cell.angle_beta   90.00
_cell.angle_gamma   90.00
#
_symmetry.space_group_name_H-M   'P 43 21 2'
#
loop_
_entity.id
_entity.type
_entity.pdbx_description
1 polymer 'Molybdopterin molybdenumtransferase'
2 non-polymer 'SODIUM ION'
3 non-polymer 'CITRIC ACID'
4 water water
#
_entity_poly.entity_id   1
_entity_poly.type   'polypeptide(L)'
_entity_poly.pdbx_seq_one_letter_code
;MRSVEQQLSIVTEAAVAPEPVRIAIAEALGLMCAEEVQASRALPGFAQAAIDGYAVRAVDVGGEKSLSQQLPVAPPEKSL
PVVGEVAAGSQQPLRLQPKQAVMVHTGAPLPMLADAVLPMAWSDRGRKRVTAQRPVRSGEFVRKEGDDIQPGDIAVSAGA
VLGPAQIGLLAAVGRSKVLVYPRPRMSVISVGAELVDIDRQPGLGQVYDVNSYSLAAAGREAGADVYRYGIAAGEPRRIK
EIIESQMLRSEIIVITGAVGGAGSAGVRQVLNELGDIDTERVAMHPGSVQGFGLLGENKIPCFLLPSNPVASLVIFETFV
RPVVRMSLGKSNAARRVVRARALNHVVSVAGRKGFIRSRLMRDAETQDYLVEALGGATGAPSHLLAGLSEANGMIRIPED
VTEIRPGDVVDVIFLAQGR
;
_entity_poly.pdbx_strand_id   A,B
#
loop_
_chem_comp.id
_chem_comp.type
_chem_comp.name
_chem_comp.formula
CIT non-polymer 'CITRIC ACID' 'C6 H8 O7'
NA non-polymer 'SODIUM ION' 'Na 1'
#
# COMPACT_ATOMS: atom_id res chain seq x y z
N MET A 1 7.69 33.03 -16.55
CA MET A 1 7.49 31.60 -16.73
C MET A 1 8.81 30.85 -16.55
N ARG A 2 8.80 29.83 -15.70
CA ARG A 2 9.95 28.98 -15.51
C ARG A 2 9.66 27.59 -16.05
N SER A 3 10.73 26.86 -16.34
CA SER A 3 10.59 25.53 -16.91
C SER A 3 10.16 24.51 -15.86
N VAL A 4 9.76 23.34 -16.35
CA VAL A 4 9.43 22.22 -15.47
C VAL A 4 10.66 21.84 -14.64
N GLU A 5 11.83 21.76 -15.29
CA GLU A 5 13.06 21.40 -14.59
C GLU A 5 13.36 22.38 -13.46
N GLN A 6 13.22 23.68 -13.73
CA GLN A 6 13.53 24.69 -12.70
C GLN A 6 12.57 24.59 -11.52
N GLN A 7 11.27 24.39 -11.79
CA GLN A 7 10.31 24.25 -10.70
C GLN A 7 10.54 22.98 -9.91
N LEU A 8 10.81 21.87 -10.60
CA LEU A 8 11.08 20.61 -9.92
C LEU A 8 12.33 20.72 -9.07
N SER A 9 13.35 21.42 -9.57
CA SER A 9 14.56 21.66 -8.80
C SER A 9 14.25 22.48 -7.55
N ILE A 10 13.38 23.48 -7.66
CA ILE A 10 13.05 24.34 -6.53
C ILE A 10 12.37 23.54 -5.42
N VAL A 11 11.34 22.76 -5.78
CA VAL A 11 10.58 22.07 -4.74
C VAL A 11 11.40 20.93 -4.13
N THR A 12 12.24 20.28 -4.92
CA THR A 12 13.03 19.16 -4.41
C THR A 12 14.02 19.63 -3.35
N GLU A 13 14.67 20.76 -3.58
CA GLU A 13 15.64 21.29 -2.64
C GLU A 13 14.99 21.74 -1.33
N ALA A 14 13.70 22.04 -1.35
CA ALA A 14 12.99 22.51 -0.16
C ALA A 14 12.37 21.36 0.64
N ALA A 15 12.46 20.13 0.15
CA ALA A 15 11.83 19.01 0.82
C ALA A 15 12.37 18.86 2.24
N VAL A 16 11.46 18.64 3.18
CA VAL A 16 11.81 18.57 4.60
C VAL A 16 11.92 17.09 4.97
N ALA A 17 13.08 16.70 5.48
CA ALA A 17 13.27 15.33 5.94
C ALA A 17 12.61 15.16 7.31
N PRO A 18 11.69 14.20 7.46
CA PRO A 18 11.03 14.03 8.76
C PRO A 18 12.00 13.58 9.84
N GLU A 19 11.76 14.08 11.06
CA GLU A 19 12.55 13.65 12.21
C GLU A 19 12.18 12.22 12.59
N PRO A 20 13.14 11.41 13.04
CA PRO A 20 12.82 10.04 13.46
C PRO A 20 11.80 10.02 14.59
N VAL A 21 10.99 8.96 14.61
CA VAL A 21 10.01 8.76 15.67
C VAL A 21 10.09 7.32 16.16
N ARG A 22 9.83 7.14 17.46
CA ARG A 22 9.80 5.84 18.09
C ARG A 22 8.35 5.34 18.11
N ILE A 23 8.11 4.20 17.45
CA ILE A 23 6.76 3.69 17.27
C ILE A 23 6.74 2.20 17.58
N ALA A 24 5.53 1.69 17.85
CA ALA A 24 5.33 0.26 18.02
C ALA A 24 5.81 -0.50 16.78
N ILE A 25 6.40 -1.67 17.00
CA ILE A 25 7.09 -2.34 15.89
C ILE A 25 6.12 -2.76 14.79
N ALA A 26 4.89 -3.13 15.14
CA ALA A 26 3.94 -3.53 14.11
C ALA A 26 3.64 -2.38 13.15
N GLU A 27 3.66 -1.15 13.65
CA GLU A 27 3.40 0.03 12.84
C GLU A 27 4.60 0.46 12.01
N ALA A 28 5.74 -0.20 12.17
CA ALA A 28 6.96 0.19 11.46
C ALA A 28 7.14 -0.52 10.13
N LEU A 29 6.17 -1.33 9.70
CA LEU A 29 6.33 -2.13 8.50
C LEU A 29 6.58 -1.27 7.27
N GLY A 30 7.65 -1.58 6.54
CA GLY A 30 7.98 -0.85 5.32
C GLY A 30 8.69 0.46 5.54
N LEU A 31 8.96 0.85 6.78
CA LEU A 31 9.69 2.07 7.07
C LEU A 31 11.17 1.76 7.30
N MET A 32 12.00 2.78 7.09
CA MET A 32 13.43 2.66 7.28
C MET A 32 13.76 2.79 8.76
N CYS A 33 14.53 1.84 9.28
CA CYS A 33 14.94 1.87 10.68
C CYS A 33 15.96 2.99 10.91
N ALA A 34 15.79 3.72 12.01
CA ALA A 34 16.63 4.87 12.32
C ALA A 34 17.63 4.62 13.45
N GLU A 35 17.75 3.38 13.94
CA GLU A 35 18.65 3.09 15.03
C GLU A 35 19.19 1.67 14.89
N GLU A 36 20.37 1.45 15.46
CA GLU A 36 20.88 0.10 15.61
C GLU A 36 20.22 -0.58 16.80
N VAL A 37 19.71 -1.79 16.61
CA VAL A 37 19.06 -2.58 17.65
C VAL A 37 19.94 -3.78 17.93
N GLN A 38 20.48 -3.85 19.14
CA GLN A 38 21.29 -4.98 19.58
C GLN A 38 20.53 -5.88 20.53
N ALA A 39 20.80 -7.18 20.44
CA ALA A 39 20.29 -8.12 21.42
C ALA A 39 20.99 -7.92 22.76
N SER A 40 20.22 -7.97 23.85
CA SER A 40 20.80 -7.94 25.19
C SER A 40 20.81 -9.29 25.88
N ARG A 41 20.05 -10.27 25.39
CA ARG A 41 19.99 -11.59 25.99
C ARG A 41 20.26 -12.68 24.95
N ALA A 42 20.90 -13.76 25.39
CA ALA A 42 21.10 -14.89 24.51
C ALA A 42 19.75 -15.52 24.16
N LEU A 43 19.61 -15.97 22.92
CA LEU A 43 18.40 -16.61 22.44
C LEU A 43 18.68 -18.00 21.90
N PRO A 44 18.02 -19.05 22.39
CA PRO A 44 17.08 -19.05 23.52
C PRO A 44 17.81 -18.87 24.84
N GLY A 45 17.13 -18.48 25.92
CA GLY A 45 17.77 -18.32 27.21
C GLY A 45 18.08 -19.60 27.94
N PHE A 46 17.80 -20.75 27.33
CA PHE A 46 17.93 -22.04 27.98
C PHE A 46 17.95 -23.13 26.90
N ALA A 47 18.64 -24.22 27.19
CA ALA A 47 18.65 -25.34 26.26
C ALA A 47 17.25 -25.94 26.16
N GLN A 48 16.73 -26.08 24.95
CA GLN A 48 15.39 -26.61 24.76
C GLN A 48 15.41 -27.78 23.80
N ALA A 49 14.48 -28.71 24.01
CA ALA A 49 14.29 -29.80 23.07
C ALA A 49 13.79 -29.26 21.74
N ALA A 50 14.41 -29.70 20.65
CA ALA A 50 13.99 -29.29 19.31
C ALA A 50 12.89 -30.18 18.75
N ILE A 51 12.57 -31.30 19.41
CA ILE A 51 11.60 -32.26 18.91
C ILE A 51 10.99 -32.98 20.11
N ASP A 52 9.87 -33.65 19.88
CA ASP A 52 9.32 -34.56 20.87
C ASP A 52 10.26 -35.77 21.00
N GLY A 53 10.54 -36.16 22.24
CA GLY A 53 11.39 -37.33 22.43
C GLY A 53 11.82 -37.49 23.87
N TYR A 54 13.04 -37.99 24.05
CA TYR A 54 13.59 -38.28 25.37
C TYR A 54 14.89 -37.53 25.55
N ALA A 55 14.93 -36.63 26.52
CA ALA A 55 16.18 -36.00 26.90
C ALA A 55 17.07 -37.00 27.61
N VAL A 56 18.29 -37.17 27.10
CA VAL A 56 19.25 -38.15 27.61
C VAL A 56 20.64 -37.54 27.55
N ARG A 57 21.61 -38.28 28.08
CA ARG A 57 22.99 -38.12 27.69
C ARG A 57 23.25 -39.02 26.49
N ALA A 58 23.88 -38.47 25.45
CA ALA A 58 24.12 -39.23 24.24
C ALA A 58 24.85 -40.53 24.52
N VAL A 59 25.81 -40.50 25.46
CA VAL A 59 26.59 -41.70 25.77
C VAL A 59 25.70 -42.82 26.30
N ASP A 60 24.57 -42.47 26.92
CA ASP A 60 23.68 -43.49 27.47
C ASP A 60 22.84 -44.19 26.42
N VAL A 61 22.82 -43.70 25.18
CA VAL A 61 22.08 -44.36 24.12
C VAL A 61 23.03 -44.73 22.98
N GLY A 62 24.29 -44.99 23.32
CA GLY A 62 25.27 -45.44 22.35
C GLY A 62 25.92 -44.36 21.54
N GLY A 63 25.80 -43.09 21.95
CA GLY A 63 26.32 -41.98 21.19
C GLY A 63 27.84 -41.93 21.11
N LYS A 78 20.48 -51.57 25.78
CA LYS A 78 20.35 -51.12 27.16
C LYS A 78 19.24 -50.07 27.27
N SER A 79 18.18 -50.42 27.98
CA SER A 79 17.02 -49.56 28.14
C SER A 79 17.19 -48.61 29.32
N LEU A 80 16.55 -47.45 29.23
CA LEU A 80 16.66 -46.43 30.26
C LEU A 80 15.30 -46.18 30.91
N PRO A 81 15.26 -46.02 32.24
CA PRO A 81 13.99 -45.67 32.89
C PRO A 81 13.58 -44.25 32.54
N VAL A 82 12.27 -44.09 32.31
CA VAL A 82 11.69 -42.77 32.08
C VAL A 82 11.22 -42.23 33.42
N VAL A 83 11.84 -41.15 33.88
CA VAL A 83 11.61 -40.64 35.23
C VAL A 83 10.89 -39.30 35.21
N GLY A 84 10.37 -38.88 34.07
CA GLY A 84 9.61 -37.64 34.03
C GLY A 84 9.21 -37.28 32.62
N GLU A 85 8.33 -36.28 32.54
CA GLU A 85 7.87 -35.72 31.27
C GLU A 85 7.78 -34.21 31.41
N VAL A 86 8.39 -33.49 30.48
CA VAL A 86 8.47 -32.03 30.51
C VAL A 86 7.80 -31.49 29.26
N ALA A 87 6.83 -30.61 29.45
CA ALA A 87 6.14 -29.96 28.34
C ALA A 87 6.68 -28.54 28.13
N ALA A 88 6.38 -28.00 26.95
CA ALA A 88 6.75 -26.63 26.65
C ALA A 88 6.14 -25.69 27.66
N GLY A 89 6.92 -24.69 28.09
CA GLY A 89 6.47 -23.74 29.08
C GLY A 89 6.75 -24.13 30.52
N SER A 90 7.33 -25.31 30.77
CA SER A 90 7.69 -25.67 32.13
C SER A 90 8.72 -24.67 32.66
N GLN A 91 8.45 -24.14 33.85
CA GLN A 91 9.33 -23.16 34.45
C GLN A 91 10.16 -23.72 35.59
N GLN A 92 10.08 -25.02 35.87
CA GLN A 92 10.93 -25.45 36.96
C GLN A 92 12.09 -26.30 36.45
N PRO A 93 13.30 -26.08 36.95
CA PRO A 93 14.43 -26.91 36.56
C PRO A 93 14.24 -28.35 37.01
N LEU A 94 14.82 -29.26 36.23
CA LEU A 94 14.74 -30.70 36.46
C LEU A 94 16.13 -31.28 36.22
N ARG A 95 16.54 -32.18 37.10
CA ARG A 95 17.87 -32.76 37.05
C ARG A 95 17.78 -34.21 36.59
N LEU A 96 18.52 -34.53 35.53
CA LEU A 96 18.58 -35.89 35.00
C LEU A 96 19.73 -36.63 35.67
N GLN A 97 19.43 -37.77 36.27
CA GLN A 97 20.46 -38.62 36.86
C GLN A 97 21.07 -39.52 35.79
N PRO A 98 22.25 -40.10 36.04
CA PRO A 98 22.85 -41.03 35.08
C PRO A 98 21.92 -42.17 34.68
N LYS A 99 22.02 -42.56 33.41
CA LYS A 99 21.30 -43.71 32.88
C LYS A 99 19.79 -43.56 33.05
N GLN A 100 19.30 -42.33 32.92
CA GLN A 100 17.88 -42.03 32.99
C GLN A 100 17.47 -41.23 31.77
N ALA A 101 16.17 -41.24 31.49
CA ALA A 101 15.61 -40.49 30.39
C ALA A 101 14.38 -39.75 30.89
N VAL A 102 14.12 -38.59 30.28
CA VAL A 102 12.96 -37.77 30.59
C VAL A 102 12.30 -37.39 29.28
N MET A 103 11.00 -37.69 29.16
CA MET A 103 10.24 -37.31 27.98
C MET A 103 10.14 -35.80 27.89
N VAL A 104 10.32 -35.27 26.68
CA VAL A 104 10.27 -33.83 26.46
C VAL A 104 9.39 -33.55 25.24
N HIS A 105 8.68 -32.43 25.29
CA HIS A 105 7.97 -31.91 24.13
C HIS A 105 8.83 -30.88 23.44
N THR A 106 8.56 -30.67 22.16
CA THR A 106 9.24 -29.63 21.40
C THR A 106 9.13 -28.31 22.14
N GLY A 107 10.29 -27.65 22.33
CA GLY A 107 10.33 -26.39 23.03
C GLY A 107 10.46 -26.49 24.54
N ALA A 108 10.33 -27.68 25.11
CA ALA A 108 10.46 -27.83 26.55
C ALA A 108 11.90 -27.57 26.99
N PRO A 109 12.08 -27.03 28.20
CA PRO A 109 13.44 -26.84 28.71
C PRO A 109 14.11 -28.19 28.93
N LEU A 110 15.32 -28.33 28.39
CA LEU A 110 16.07 -29.56 28.56
C LEU A 110 16.44 -29.75 30.02
N PRO A 111 16.25 -30.94 30.59
CA PRO A 111 16.76 -31.19 31.95
C PRO A 111 18.26 -30.97 32.03
N MET A 112 18.69 -30.40 33.14
CA MET A 112 20.11 -30.25 33.42
C MET A 112 20.79 -31.62 33.41
N LEU A 113 22.01 -31.64 32.85
CA LEU A 113 22.91 -32.79 32.70
C LEU A 113 22.50 -33.69 31.53
N ALA A 114 21.42 -33.36 30.81
CA ALA A 114 21.15 -34.00 29.54
C ALA A 114 21.83 -33.22 28.43
N ASP A 115 22.16 -33.90 27.33
CA ASP A 115 22.80 -33.23 26.22
C ASP A 115 22.23 -33.57 24.85
N ALA A 116 21.17 -34.36 24.79
CA ALA A 116 20.59 -34.74 23.50
C ALA A 116 19.14 -35.12 23.70
N VAL A 117 18.40 -35.14 22.60
CA VAL A 117 17.01 -35.59 22.60
C VAL A 117 16.91 -36.73 21.60
N LEU A 118 16.54 -37.91 22.08
CA LEU A 118 16.25 -39.03 21.21
C LEU A 118 14.85 -38.88 20.66
N PRO A 119 14.68 -38.77 19.34
CA PRO A 119 13.32 -38.58 18.79
C PRO A 119 12.39 -39.73 19.16
N MET A 120 11.11 -39.39 19.36
CA MET A 120 10.10 -40.40 19.64
C MET A 120 10.15 -41.55 18.64
N ALA A 121 10.29 -41.23 17.35
CA ALA A 121 10.25 -42.26 16.32
C ALA A 121 11.50 -43.14 16.33
N TRP A 122 12.58 -42.71 16.99
CA TRP A 122 13.80 -43.49 17.10
C TRP A 122 13.85 -44.27 18.42
N SER A 123 12.70 -44.58 18.99
CA SER A 123 12.61 -45.32 20.24
C SER A 123 11.46 -46.30 20.17
N ASP A 124 11.34 -47.15 21.21
CA ASP A 124 10.18 -48.01 21.34
C ASP A 124 8.98 -47.31 21.98
N ARG A 125 9.11 -46.01 22.23
CA ARG A 125 8.04 -45.16 22.77
C ARG A 125 7.62 -45.59 24.17
N GLY A 126 8.49 -46.29 24.90
CA GLY A 126 8.14 -46.74 26.23
C GLY A 126 7.88 -45.57 27.17
N ARG A 127 6.85 -45.71 28.00
CA ARG A 127 6.49 -44.68 28.97
C ARG A 127 7.23 -44.83 30.29
N LYS A 128 7.54 -46.06 30.70
CA LYS A 128 8.28 -46.32 31.93
C LYS A 128 9.73 -46.69 31.67
N ARG A 129 10.01 -47.44 30.61
CA ARG A 129 11.36 -47.72 30.15
C ARG A 129 11.42 -47.52 28.65
N VAL A 130 12.46 -46.86 28.17
CA VAL A 130 12.59 -46.52 26.76
C VAL A 130 13.83 -47.21 26.20
N THR A 131 13.69 -47.81 25.02
CA THR A 131 14.78 -48.44 24.31
C THR A 131 15.08 -47.62 23.06
N ALA A 132 16.33 -47.19 22.92
CA ALA A 132 16.73 -46.43 21.75
C ALA A 132 16.95 -47.39 20.59
N GLN A 133 16.34 -47.07 19.44
CA GLN A 133 16.54 -47.91 18.27
C GLN A 133 17.82 -47.56 17.54
N ARG A 134 18.30 -46.34 17.68
CA ARG A 134 19.58 -45.89 17.13
C ARG A 134 20.11 -44.80 18.03
N PRO A 135 21.42 -44.57 18.00
CA PRO A 135 22.00 -43.53 18.86
C PRO A 135 21.79 -42.12 18.35
N VAL A 136 21.83 -41.17 19.30
CA VAL A 136 21.93 -39.75 18.99
C VAL A 136 23.22 -39.25 19.63
N ARG A 137 23.84 -38.27 19.00
CA ARG A 137 25.09 -37.72 19.48
C ARG A 137 24.84 -36.48 20.34
N SER A 138 25.86 -36.10 21.10
CA SER A 138 25.74 -34.97 22.00
C SER A 138 25.38 -33.71 21.24
N GLY A 139 24.31 -33.03 21.70
CA GLY A 139 23.83 -31.83 21.05
C GLY A 139 22.74 -32.05 20.01
N GLU A 140 22.52 -33.29 19.58
CA GLU A 140 21.56 -33.54 18.52
C GLU A 140 20.13 -33.28 19.01
N PHE A 141 19.35 -32.60 18.17
CA PHE A 141 17.96 -32.27 18.46
C PHE A 141 17.82 -31.40 19.69
N VAL A 142 18.86 -30.64 20.01
CA VAL A 142 18.86 -29.69 21.12
C VAL A 142 19.13 -28.31 20.58
N ARG A 143 18.32 -27.34 20.97
CA ARG A 143 18.57 -25.93 20.70
C ARG A 143 19.25 -25.37 21.94
N LYS A 144 20.56 -25.17 21.85
CA LYS A 144 21.34 -24.72 23.00
C LYS A 144 21.12 -23.22 23.25
N GLU A 145 21.40 -22.81 24.47
CA GLU A 145 21.28 -21.40 24.83
C GLU A 145 22.18 -20.56 23.94
N GLY A 146 21.60 -19.53 23.32
CA GLY A 146 22.37 -18.66 22.44
C GLY A 146 22.54 -19.15 21.03
N ASP A 147 21.90 -20.26 20.66
CA ASP A 147 22.01 -20.77 19.29
C ASP A 147 21.44 -19.78 18.28
N ASP A 148 20.36 -19.10 18.63
CA ASP A 148 19.69 -18.18 17.70
C ASP A 148 20.26 -16.77 17.74
N ILE A 149 20.53 -16.24 18.93
CA ILE A 149 21.00 -14.87 19.08
C ILE A 149 21.88 -14.78 20.32
N GLN A 150 22.99 -14.04 20.20
CA GLN A 150 23.88 -13.79 21.33
C GLN A 150 23.84 -12.31 21.74
N PRO A 151 24.14 -12.00 22.99
CA PRO A 151 24.21 -10.58 23.39
C PRO A 151 25.20 -9.81 22.54
N GLY A 152 24.82 -8.60 22.14
CA GLY A 152 25.64 -7.79 21.28
C GLY A 152 25.41 -8.01 19.81
N ASP A 153 24.74 -9.08 19.42
CA ASP A 153 24.38 -9.30 18.02
C ASP A 153 23.49 -8.17 17.52
N ILE A 154 23.77 -7.72 16.30
CA ILE A 154 22.96 -6.68 15.67
C ILE A 154 21.71 -7.35 15.11
N ALA A 155 20.55 -7.05 15.70
CA ALA A 155 19.31 -7.58 15.18
C ALA A 155 18.85 -6.81 13.95
N VAL A 156 18.86 -5.48 14.03
CA VAL A 156 18.49 -4.61 12.90
C VAL A 156 19.49 -3.46 12.84
N SER A 157 20.00 -3.18 11.65
CA SER A 157 20.92 -2.07 11.45
C SER A 157 20.14 -0.80 11.09
N ALA A 158 20.72 0.34 11.47
CA ALA A 158 20.16 1.62 11.05
C ALA A 158 20.19 1.72 9.53
N GLY A 159 19.10 2.19 8.94
CA GLY A 159 19.01 2.28 7.50
C GLY A 159 18.36 1.09 6.82
N ALA A 160 18.10 0.02 7.56
CA ALA A 160 17.41 -1.13 6.99
C ALA A 160 15.92 -0.86 6.91
N VAL A 161 15.29 -1.29 5.81
CA VAL A 161 13.84 -1.26 5.70
C VAL A 161 13.27 -2.40 6.52
N LEU A 162 12.24 -2.10 7.32
CA LEU A 162 11.70 -3.08 8.26
C LEU A 162 10.60 -3.87 7.56
N GLY A 163 10.94 -5.06 7.08
CA GLY A 163 9.97 -5.98 6.53
C GLY A 163 9.51 -6.95 7.59
N PRO A 164 8.68 -7.92 7.21
CA PRO A 164 8.16 -8.86 8.22
C PRO A 164 9.24 -9.62 8.99
N ALA A 165 10.32 -10.04 8.33
CA ALA A 165 11.38 -10.76 9.03
C ALA A 165 12.06 -9.88 10.07
N GLN A 166 12.28 -8.61 9.74
CA GLN A 166 12.91 -7.68 10.68
C GLN A 166 11.98 -7.38 11.85
N ILE A 167 10.67 -7.29 11.60
CA ILE A 167 9.72 -7.14 12.71
C ILE A 167 9.78 -8.35 13.63
N GLY A 168 9.89 -9.55 13.05
CA GLY A 168 10.05 -10.74 13.87
C GLY A 168 11.31 -10.69 14.70
N LEU A 169 12.42 -10.23 14.10
CA LEU A 169 13.67 -10.11 14.85
C LEU A 169 13.55 -9.12 16.00
N LEU A 170 12.89 -7.97 15.76
CA LEU A 170 12.68 -7.01 16.85
C LEU A 170 11.90 -7.63 17.99
N ALA A 171 10.86 -8.41 17.67
CA ALA A 171 10.10 -9.10 18.71
C ALA A 171 10.94 -10.16 19.41
N ALA A 172 11.85 -10.82 18.67
CA ALA A 172 12.65 -11.89 19.26
C ALA A 172 13.64 -11.36 20.31
N VAL A 173 14.05 -10.11 20.19
CA VAL A 173 14.92 -9.50 21.19
C VAL A 173 14.13 -8.65 22.18
N GLY A 174 12.80 -8.75 22.18
CA GLY A 174 11.99 -8.11 23.18
C GLY A 174 11.81 -6.61 23.01
N ARG A 175 11.93 -6.10 21.79
CA ARG A 175 11.74 -4.68 21.53
C ARG A 175 10.30 -4.43 21.11
N SER A 176 9.56 -3.69 21.94
CA SER A 176 8.19 -3.32 21.60
C SER A 176 8.11 -2.10 20.70
N LYS A 177 9.14 -1.24 20.71
CA LYS A 177 9.15 -0.04 19.89
C LYS A 177 10.51 0.11 19.23
N VAL A 178 10.52 0.85 18.12
CA VAL A 178 11.74 1.04 17.33
C VAL A 178 11.69 2.44 16.72
N LEU A 179 12.86 3.06 16.63
CA LEU A 179 12.99 4.37 16.00
C LEU A 179 13.06 4.21 14.49
N VAL A 180 12.17 4.93 13.78
CA VAL A 180 12.10 4.84 12.33
C VAL A 180 12.08 6.25 11.75
N TYR A 181 12.36 6.33 10.45
CA TYR A 181 12.14 7.54 9.69
C TYR A 181 10.70 7.51 9.18
N PRO A 182 9.81 8.36 9.67
CA PRO A 182 8.40 8.24 9.31
C PRO A 182 8.11 8.77 7.92
N ARG A 183 6.93 8.40 7.44
CA ARG A 183 6.45 8.96 6.18
C ARG A 183 6.20 10.46 6.34
N PRO A 184 6.49 11.26 5.32
CA PRO A 184 6.22 12.69 5.42
C PRO A 184 4.72 12.94 5.55
N ARG A 185 4.38 13.87 6.44
CA ARG A 185 2.97 14.19 6.70
C ARG A 185 2.49 15.26 5.72
N MET A 186 1.39 14.96 5.05
CA MET A 186 0.83 15.87 4.06
C MET A 186 -0.59 16.25 4.43
N SER A 187 -0.86 17.55 4.41
CA SER A 187 -2.18 18.09 4.64
C SER A 187 -2.73 18.57 3.30
N VAL A 188 -3.94 18.14 2.97
CA VAL A 188 -4.60 18.52 1.71
C VAL A 188 -5.77 19.43 2.04
N ILE A 189 -5.78 20.62 1.46
CA ILE A 189 -6.78 21.65 1.76
C ILE A 189 -7.41 22.13 0.45
N SER A 190 -8.72 22.33 0.46
CA SER A 190 -9.47 22.91 -0.64
C SER A 190 -10.07 24.24 -0.21
N VAL A 191 -10.01 25.23 -1.09
CA VAL A 191 -10.47 26.58 -0.80
C VAL A 191 -11.38 27.05 -1.92
N GLY A 192 -12.48 27.70 -1.56
CA GLY A 192 -13.39 28.26 -2.55
C GLY A 192 -14.82 28.36 -2.06
N ALA A 193 -15.42 29.54 -2.23
CA ALA A 193 -16.78 29.75 -1.78
C ALA A 193 -17.77 28.83 -2.48
N GLU A 194 -17.43 28.31 -3.66
CA GLU A 194 -18.33 27.44 -4.40
C GLU A 194 -18.33 26.00 -3.89
N LEU A 195 -17.36 25.61 -3.07
CA LEU A 195 -17.15 24.20 -2.76
C LEU A 195 -18.13 23.71 -1.70
N VAL A 196 -18.65 22.51 -1.91
CA VAL A 196 -19.42 21.78 -0.90
C VAL A 196 -18.90 20.36 -0.85
N ASP A 197 -19.03 19.73 0.32
CA ASP A 197 -18.61 18.35 0.46
C ASP A 197 -19.58 17.44 -0.29
N ILE A 198 -19.15 16.19 -0.48
CA ILE A 198 -19.85 15.29 -1.40
C ILE A 198 -21.08 14.61 -0.81
N ASP A 199 -21.32 14.75 0.49
CA ASP A 199 -22.55 14.26 1.08
C ASP A 199 -23.66 15.28 1.04
N ARG A 200 -23.40 16.48 0.54
CA ARG A 200 -24.38 17.54 0.48
C ARG A 200 -25.02 17.56 -0.90
N GLN A 201 -26.18 18.22 -0.99
CA GLN A 201 -26.85 18.44 -2.25
C GLN A 201 -26.46 19.83 -2.72
N PRO A 202 -25.68 19.96 -3.78
CA PRO A 202 -25.21 21.29 -4.20
C PRO A 202 -26.37 22.20 -4.55
N GLY A 203 -26.35 23.42 -4.00
CA GLY A 203 -27.31 24.44 -4.35
C GLY A 203 -26.81 25.26 -5.52
N LEU A 204 -27.42 26.42 -5.69
CA LEU A 204 -27.02 27.32 -6.78
C LEU A 204 -25.57 27.75 -6.61
N GLY A 205 -24.80 27.59 -7.69
CA GLY A 205 -23.42 28.02 -7.70
C GLY A 205 -22.45 27.10 -7.00
N GLN A 206 -22.89 25.96 -6.49
CA GLN A 206 -22.05 25.12 -5.66
C GLN A 206 -21.52 23.94 -6.46
N VAL A 207 -20.28 23.55 -6.14
CA VAL A 207 -19.50 22.58 -6.88
C VAL A 207 -18.93 21.58 -5.87
N TYR A 208 -18.96 20.29 -6.21
CA TYR A 208 -18.38 19.28 -5.34
C TYR A 208 -16.88 19.49 -5.18
N ASP A 209 -16.38 19.29 -3.96
CA ASP A 209 -14.95 19.35 -3.66
C ASP A 209 -14.28 18.07 -4.15
N VAL A 210 -13.86 18.07 -5.43
CA VAL A 210 -13.21 16.90 -6.01
C VAL A 210 -11.78 16.76 -5.51
N ASN A 211 -11.05 17.88 -5.46
CA ASN A 211 -9.59 17.82 -5.37
C ASN A 211 -9.08 17.33 -4.03
N SER A 212 -9.76 17.65 -2.93
CA SER A 212 -9.24 17.18 -1.66
C SER A 212 -9.25 15.66 -1.59
N TYR A 213 -10.25 15.01 -2.22
CA TYR A 213 -10.29 13.56 -2.22
C TYR A 213 -9.26 12.95 -3.16
N SER A 214 -9.18 13.47 -4.40
CA SER A 214 -8.26 12.87 -5.37
C SER A 214 -6.80 13.11 -4.99
N LEU A 215 -6.49 14.29 -4.45
CA LEU A 215 -5.11 14.59 -4.11
C LEU A 215 -4.68 13.92 -2.81
N ALA A 216 -5.60 13.75 -1.86
CA ALA A 216 -5.27 12.94 -0.69
C ALA A 216 -4.95 11.52 -1.10
N ALA A 217 -5.76 10.94 -2.00
CA ALA A 217 -5.48 9.59 -2.48
C ALA A 217 -4.15 9.52 -3.21
N ALA A 218 -3.86 10.53 -4.05
CA ALA A 218 -2.57 10.55 -4.73
C ALA A 218 -1.42 10.67 -3.74
N GLY A 219 -1.62 11.40 -2.65
CA GLY A 219 -0.60 11.50 -1.62
C GLY A 219 -0.33 10.18 -0.93
N ARG A 220 -1.38 9.40 -0.69
CA ARG A 220 -1.17 8.08 -0.08
C ARG A 220 -0.42 7.15 -1.03
N GLU A 221 -0.81 7.14 -2.32
CA GLU A 221 -0.11 6.30 -3.29
C GLU A 221 1.35 6.73 -3.44
N ALA A 222 1.63 8.02 -3.27
CA ALA A 222 3.01 8.50 -3.34
C ALA A 222 3.84 8.08 -2.13
N GLY A 223 3.20 7.68 -1.03
CA GLY A 223 3.91 7.25 0.16
C GLY A 223 3.84 8.21 1.34
N ALA A 224 3.00 9.24 1.27
CA ALA A 224 2.87 10.20 2.36
C ALA A 224 1.89 9.71 3.42
N ASP A 225 2.00 10.30 4.60
CA ASP A 225 1.04 10.15 5.68
C ASP A 225 0.06 11.32 5.55
N VAL A 226 -1.12 11.05 5.00
CA VAL A 226 -1.98 12.10 4.49
C VAL A 226 -3.12 12.37 5.46
N TYR A 227 -3.35 13.65 5.75
CA TYR A 227 -4.57 14.11 6.42
C TYR A 227 -5.29 15.03 5.46
N ARG A 228 -6.49 14.66 5.06
CA ARG A 228 -7.31 15.47 4.17
C ARG A 228 -8.11 16.43 5.04
N TYR A 229 -7.68 17.70 5.09
CA TYR A 229 -8.46 18.65 5.88
C TYR A 229 -9.83 18.87 5.25
N GLY A 230 -9.89 18.87 3.93
CA GLY A 230 -11.14 19.17 3.24
C GLY A 230 -11.27 20.64 2.95
N ILE A 231 -12.49 21.17 2.97
CA ILE A 231 -12.73 22.56 2.60
C ILE A 231 -12.38 23.46 3.77
N ALA A 232 -11.53 24.45 3.51
CA ALA A 232 -11.24 25.50 4.48
C ALA A 232 -12.11 26.70 4.11
N ALA A 233 -13.07 27.01 4.97
CA ALA A 233 -14.05 28.06 4.71
C ALA A 233 -13.90 29.18 5.72
N GLY A 234 -14.38 30.36 5.34
CA GLY A 234 -14.41 31.53 6.17
C GLY A 234 -13.64 32.69 5.57
N GLU A 235 -13.52 33.76 6.35
CA GLU A 235 -12.73 34.92 5.97
C GLU A 235 -11.24 34.55 5.96
N PRO A 236 -10.40 35.38 5.32
CA PRO A 236 -8.96 35.05 5.26
C PRO A 236 -8.30 34.78 6.60
N ARG A 237 -8.66 35.53 7.65
CA ARG A 237 -8.04 35.29 8.96
C ARG A 237 -8.40 33.92 9.50
N ARG A 238 -9.62 33.43 9.23
CA ARG A 238 -9.97 32.07 9.63
C ARG A 238 -9.22 31.04 8.80
N ILE A 239 -9.07 31.28 7.50
CA ILE A 239 -8.29 30.37 6.66
C ILE A 239 -6.85 30.29 7.15
N LYS A 240 -6.27 31.44 7.52
CA LYS A 240 -4.91 31.45 8.05
C LYS A 240 -4.81 30.61 9.32
N GLU A 241 -5.79 30.76 10.21
CA GLU A 241 -5.86 29.94 11.41
C GLU A 241 -5.83 28.46 11.07
N ILE A 242 -6.59 28.06 10.05
CA ILE A 242 -6.63 26.66 9.64
C ILE A 242 -5.30 26.22 9.09
N ILE A 243 -4.71 27.02 8.21
CA ILE A 243 -3.42 26.65 7.61
C ILE A 243 -2.35 26.54 8.70
N GLU A 244 -2.35 27.47 9.66
CA GLU A 244 -1.35 27.44 10.72
C GLU A 244 -1.46 26.16 11.54
N SER A 245 -2.69 25.69 11.79
CA SER A 245 -2.84 24.43 12.50
C SER A 245 -2.30 23.27 11.69
N GLN A 246 -2.46 23.31 10.37
CA GLN A 246 -1.93 22.23 9.53
C GLN A 246 -0.40 22.27 9.47
N MET A 247 0.21 23.46 9.60
CA MET A 247 1.66 23.54 9.59
C MET A 247 2.29 22.85 10.79
N LEU A 248 1.57 22.76 11.91
CA LEU A 248 2.14 22.13 13.10
C LEU A 248 2.37 20.64 12.93
N ARG A 249 1.73 20.02 11.94
CA ARG A 249 1.71 18.55 11.81
C ARG A 249 2.04 18.11 10.39
N SER A 250 2.76 18.92 9.62
CA SER A 250 2.96 18.61 8.21
C SER A 250 4.39 18.88 7.77
N GLU A 251 4.90 17.99 6.91
CA GLU A 251 6.07 18.28 6.11
C GLU A 251 5.71 18.85 4.75
N ILE A 252 4.47 18.64 4.30
CA ILE A 252 3.99 19.12 3.01
C ILE A 252 2.55 19.59 3.16
N ILE A 253 2.23 20.72 2.55
CA ILE A 253 0.86 21.21 2.51
C ILE A 253 0.47 21.41 1.04
N VAL A 254 -0.72 20.95 0.69
CA VAL A 254 -1.25 21.07 -0.67
C VAL A 254 -2.59 21.77 -0.60
N ILE A 255 -2.73 22.90 -1.31
CA ILE A 255 -3.93 23.71 -1.29
C ILE A 255 -4.40 23.91 -2.72
N THR A 256 -5.63 23.51 -3.02
CA THR A 256 -6.26 23.85 -4.30
C THR A 256 -7.18 25.05 -4.13
N GLY A 257 -7.42 25.73 -5.23
CA GLY A 257 -8.27 26.90 -5.20
C GLY A 257 -7.56 28.17 -4.77
N ALA A 258 -6.25 28.11 -4.56
CA ALA A 258 -5.47 29.29 -4.20
C ALA A 258 -4.86 30.00 -5.40
N VAL A 259 -4.97 29.43 -6.61
CA VAL A 259 -4.59 30.11 -7.85
C VAL A 259 -5.74 29.95 -8.82
N GLY A 260 -5.93 30.97 -9.66
CA GLY A 260 -7.03 30.91 -10.61
C GLY A 260 -7.67 32.25 -10.91
N GLY A 261 -7.96 33.04 -9.88
CA GLY A 261 -8.59 34.33 -10.11
C GLY A 261 -8.97 35.01 -8.81
N ALA A 262 -9.99 35.88 -8.90
CA ALA A 262 -10.38 36.70 -7.76
C ALA A 262 -10.87 35.87 -6.59
N GLY A 263 -11.36 34.65 -6.84
CA GLY A 263 -11.87 33.80 -5.79
C GLY A 263 -10.85 33.42 -4.74
N SER A 264 -9.55 33.53 -5.06
CA SER A 264 -8.50 33.12 -4.15
C SER A 264 -7.66 34.30 -3.64
N ALA A 265 -8.16 35.53 -3.78
CA ALA A 265 -7.36 36.68 -3.36
C ALA A 265 -7.11 36.67 -1.85
N GLY A 266 -8.10 36.24 -1.07
CA GLY A 266 -7.94 36.24 0.38
C GLY A 266 -6.91 35.23 0.86
N VAL A 267 -6.98 34.02 0.32
CA VAL A 267 -6.07 32.96 0.76
C VAL A 267 -4.64 33.28 0.37
N ARG A 268 -4.45 33.87 -0.82
CA ARG A 268 -3.09 34.26 -1.20
C ARG A 268 -2.54 35.36 -0.30
N GLN A 269 -3.41 36.26 0.18
CA GLN A 269 -2.95 37.30 1.11
C GLN A 269 -2.43 36.68 2.40
N VAL A 270 -3.18 35.74 2.99
CA VAL A 270 -2.72 35.16 4.26
C VAL A 270 -1.54 34.23 4.03
N LEU A 271 -1.49 33.55 2.89
CA LEU A 271 -0.33 32.72 2.59
C LEU A 271 0.94 33.57 2.50
N ASN A 272 0.83 34.78 1.93
CA ASN A 272 1.98 35.66 1.87
C ASN A 272 2.38 36.17 3.25
N GLU A 273 1.45 36.17 4.21
CA GLU A 273 1.79 36.50 5.60
C GLU A 273 2.50 35.34 6.31
N LEU A 274 2.37 34.11 5.82
CA LEU A 274 2.99 32.96 6.45
C LEU A 274 4.32 32.56 5.81
N GLY A 275 4.58 33.01 4.59
CA GLY A 275 5.84 32.71 3.96
C GLY A 275 5.96 33.42 2.63
N ASP A 276 7.03 33.10 1.91
CA ASP A 276 7.30 33.68 0.60
C ASP A 276 6.64 32.80 -0.44
N ILE A 277 5.63 33.34 -1.12
CA ILE A 277 4.82 32.58 -2.06
C ILE A 277 5.21 33.01 -3.47
N ASP A 278 5.48 32.02 -4.32
CA ASP A 278 5.83 32.24 -5.71
C ASP A 278 4.70 31.66 -6.56
N THR A 279 4.12 32.50 -7.42
CA THR A 279 3.05 32.06 -8.31
C THR A 279 3.43 32.25 -9.78
N GLU A 280 4.73 32.19 -10.08
CA GLU A 280 5.15 32.25 -11.47
C GLU A 280 4.69 31.00 -12.21
N ARG A 281 4.17 31.19 -13.41
CA ARG A 281 3.67 30.08 -14.21
C ARG A 281 4.81 29.15 -14.60
N VAL A 282 4.46 27.90 -14.90
CA VAL A 282 5.41 26.89 -15.34
C VAL A 282 5.14 26.58 -16.81
N ALA A 283 6.21 26.39 -17.58
CA ALA A 283 6.12 26.13 -19.02
C ALA A 283 5.72 24.67 -19.24
N MET A 284 4.45 24.38 -18.92
CA MET A 284 3.90 23.05 -19.06
C MET A 284 2.41 23.15 -19.40
N HIS A 285 1.86 22.06 -19.92
CA HIS A 285 0.42 21.98 -20.14
C HIS A 285 -0.02 20.53 -20.00
N PRO A 286 -1.12 20.27 -19.27
CA PRO A 286 -1.88 21.23 -18.45
C PRO A 286 -1.12 21.54 -17.17
N GLY A 287 -1.58 22.50 -16.37
CA GLY A 287 -0.97 22.79 -15.10
C GLY A 287 0.00 23.96 -15.09
N SER A 288 -0.07 24.86 -16.07
CA SER A 288 0.83 26.02 -16.06
C SER A 288 0.56 26.93 -14.88
N VAL A 289 -0.68 27.04 -14.45
CA VAL A 289 -1.07 27.91 -13.34
C VAL A 289 -0.93 27.16 -12.03
N GLN A 290 -0.01 27.60 -11.18
CA GLN A 290 0.32 26.92 -9.93
C GLN A 290 1.18 27.88 -9.11
N GLY A 291 1.48 27.45 -7.88
CA GLY A 291 2.33 28.24 -7.02
C GLY A 291 3.02 27.36 -5.99
N PHE A 292 4.03 27.94 -5.35
CA PHE A 292 4.81 27.22 -4.36
C PHE A 292 5.39 28.20 -3.35
N GLY A 293 5.25 27.86 -2.07
CA GLY A 293 5.78 28.68 -0.99
C GLY A 293 6.30 27.81 0.13
N LEU A 294 7.10 28.45 1.00
CA LEU A 294 7.65 27.82 2.19
C LEU A 294 7.10 28.57 3.39
N LEU A 295 6.36 27.87 4.26
CA LEU A 295 5.56 28.52 5.29
C LEU A 295 6.23 28.42 6.65
N GLY A 296 6.24 29.54 7.38
CA GLY A 296 6.70 29.56 8.76
C GLY A 296 8.21 29.40 8.88
N GLU A 297 8.67 29.37 10.13
CA GLU A 297 10.11 29.28 10.39
C GLU A 297 10.66 27.91 10.02
N ASN A 298 9.82 26.90 9.91
CA ASN A 298 10.28 25.58 9.50
C ASN A 298 10.22 25.39 7.98
N LYS A 299 9.85 26.42 7.24
CA LYS A 299 9.89 26.42 5.78
C LYS A 299 9.19 25.20 5.20
N ILE A 300 7.95 25.01 5.61
CA ILE A 300 7.19 23.84 5.15
C ILE A 300 6.76 24.05 3.71
N PRO A 301 7.08 23.11 2.80
CA PRO A 301 6.62 23.24 1.41
C PRO A 301 5.10 23.33 1.32
N CYS A 302 4.63 24.32 0.56
CA CYS A 302 3.20 24.52 0.33
C CYS A 302 2.96 24.66 -1.16
N PHE A 303 2.28 23.67 -1.74
CA PHE A 303 1.93 23.68 -3.16
C PHE A 303 0.56 24.34 -3.36
N LEU A 304 0.48 25.30 -4.27
CA LEU A 304 -0.76 25.98 -4.63
C LEU A 304 -1.24 25.42 -5.97
N LEU A 305 -2.32 24.64 -5.96
CA LEU A 305 -2.81 23.99 -7.16
C LEU A 305 -4.12 24.62 -7.63
N PRO A 306 -4.45 24.49 -8.91
CA PRO A 306 -5.68 25.11 -9.44
C PRO A 306 -6.90 24.25 -9.12
N SER A 307 -8.06 24.77 -9.49
CA SER A 307 -9.32 24.07 -9.27
C SER A 307 -9.54 22.94 -10.27
N ASN A 308 -9.00 23.07 -11.48
CA ASN A 308 -9.13 22.05 -12.50
C ASN A 308 -8.59 20.72 -11.98
N PRO A 309 -9.41 19.67 -11.93
CA PRO A 309 -8.95 18.41 -11.33
C PRO A 309 -7.91 17.68 -12.15
N VAL A 310 -7.98 17.75 -13.48
CA VAL A 310 -6.98 17.09 -14.32
C VAL A 310 -5.63 17.79 -14.16
N ALA A 311 -5.62 19.12 -14.26
CA ALA A 311 -4.39 19.87 -14.06
C ALA A 311 -3.80 19.64 -12.68
N SER A 312 -4.65 19.55 -11.66
CA SER A 312 -4.16 19.34 -10.30
C SER A 312 -3.48 17.99 -10.14
N LEU A 313 -4.05 16.95 -10.76
CA LEU A 313 -3.41 15.63 -10.69
C LEU A 313 -2.07 15.63 -11.43
N VAL A 314 -1.98 16.36 -12.55
CA VAL A 314 -0.74 16.42 -13.30
C VAL A 314 0.35 17.16 -12.51
N ILE A 315 -0.02 18.29 -11.90
CA ILE A 315 0.94 19.03 -11.08
C ILE A 315 1.38 18.17 -9.88
N PHE A 316 0.42 17.52 -9.23
CA PHE A 316 0.75 16.66 -8.09
C PHE A 316 1.75 15.58 -8.50
N GLU A 317 1.48 14.89 -9.62
CA GLU A 317 2.37 13.86 -10.09
C GLU A 317 3.74 14.42 -10.45
N THR A 318 3.77 15.61 -11.04
CA THR A 318 5.02 16.15 -11.58
C THR A 318 5.92 16.77 -10.51
N PHE A 319 5.34 17.38 -9.48
CA PHE A 319 6.13 18.12 -8.50
C PHE A 319 5.92 17.68 -7.06
N VAL A 320 4.70 17.29 -6.67
CA VAL A 320 4.45 16.91 -5.29
C VAL A 320 4.97 15.51 -5.00
N ARG A 321 4.66 14.56 -5.89
CA ARG A 321 5.13 13.19 -5.70
C ARG A 321 6.64 13.10 -5.54
N PRO A 322 7.46 13.77 -6.35
CA PRO A 322 8.91 13.72 -6.10
C PRO A 322 9.30 14.26 -4.72
N VAL A 323 8.59 15.28 -4.22
CA VAL A 323 8.90 15.79 -2.89
C VAL A 323 8.57 14.74 -1.82
N VAL A 324 7.46 14.03 -1.99
CA VAL A 324 7.15 12.93 -1.07
C VAL A 324 8.25 11.90 -1.11
N ARG A 325 8.66 11.49 -2.30
CA ARG A 325 9.71 10.49 -2.43
C ARG A 325 11.04 11.02 -1.92
N MET A 326 11.30 12.32 -2.11
CA MET A 326 12.51 12.91 -1.57
C MET A 326 12.47 12.95 -0.04
N SER A 327 11.29 13.25 0.53
CA SER A 327 11.13 13.22 1.98
C SER A 327 11.30 11.82 2.55
N LEU A 328 10.99 10.79 1.76
CA LEU A 328 11.22 9.42 2.21
C LEU A 328 12.67 8.99 2.06
N GLY A 329 13.49 9.79 1.36
CA GLY A 329 14.86 9.43 1.10
C GLY A 329 15.07 8.50 -0.07
N LYS A 330 14.13 8.42 -0.99
CA LYS A 330 14.28 7.54 -2.15
C LYS A 330 15.14 8.19 -3.22
N SER A 331 15.96 7.37 -3.87
CA SER A 331 16.86 7.80 -4.95
C SER A 331 16.45 7.30 -6.32
N ASN A 332 15.66 6.23 -6.40
CA ASN A 332 15.23 5.67 -7.67
C ASN A 332 14.32 6.64 -8.40
N ALA A 333 14.42 6.62 -9.73
CA ALA A 333 13.62 7.52 -10.55
C ALA A 333 12.14 7.35 -10.24
N ALA A 334 11.36 8.36 -10.62
CA ALA A 334 9.98 8.47 -10.19
C ALA A 334 9.17 7.34 -10.79
N ARG A 335 8.76 7.50 -12.05
CA ARG A 335 8.04 6.46 -12.75
C ARG A 335 8.91 5.84 -13.84
N ARG A 336 8.53 4.64 -14.26
CA ARG A 336 9.12 4.04 -15.42
C ARG A 336 8.62 4.73 -16.68
N VAL A 337 9.52 4.99 -17.61
CA VAL A 337 9.20 5.62 -18.88
C VAL A 337 9.44 4.61 -20.00
N VAL A 338 8.41 4.33 -20.78
CA VAL A 338 8.51 3.38 -21.89
C VAL A 338 8.19 4.12 -23.18
N ARG A 339 8.82 3.67 -24.25
CA ARG A 339 8.56 4.20 -25.58
C ARG A 339 7.39 3.46 -26.20
N ALA A 340 6.42 4.21 -26.72
CA ALA A 340 5.21 3.63 -27.28
C ALA A 340 4.87 4.33 -28.58
N ARG A 341 4.10 3.64 -29.42
CA ARG A 341 3.67 4.19 -30.69
C ARG A 341 2.36 4.95 -30.50
N ALA A 342 2.35 6.21 -30.92
CA ALA A 342 1.16 7.04 -30.77
C ALA A 342 0.03 6.51 -31.64
N LEU A 343 -1.18 6.48 -31.07
CA LEU A 343 -2.35 5.99 -31.77
C LEU A 343 -3.22 7.08 -32.38
N ASN A 344 -3.20 8.29 -31.81
CA ASN A 344 -4.02 9.40 -32.28
C ASN A 344 -3.20 10.67 -32.25
N HIS A 345 -3.80 11.76 -32.74
CA HIS A 345 -3.14 13.05 -32.84
C HIS A 345 -3.21 13.78 -31.50
N VAL A 346 -2.11 14.44 -31.12
CA VAL A 346 -2.04 15.28 -29.93
C VAL A 346 -1.41 16.61 -30.32
N VAL A 347 -1.94 17.70 -29.75
CA VAL A 347 -1.43 19.03 -30.01
C VAL A 347 -0.65 19.52 -28.80
N SER A 348 0.37 20.34 -29.05
CA SER A 348 1.18 20.89 -27.99
C SER A 348 1.71 22.27 -28.41
N VAL A 349 1.88 23.14 -27.43
CA VAL A 349 2.44 24.47 -27.68
C VAL A 349 3.97 24.39 -27.68
N ALA A 350 4.59 25.08 -28.64
CA ALA A 350 6.04 25.15 -28.69
C ALA A 350 6.57 25.90 -27.46
N GLY A 351 7.47 25.26 -26.71
CA GLY A 351 8.09 25.87 -25.56
C GLY A 351 7.51 25.48 -24.22
N ARG A 352 6.53 24.58 -24.19
CA ARG A 352 5.93 24.13 -22.94
C ARG A 352 5.82 22.61 -22.97
N LYS A 353 6.20 21.98 -21.85
CA LYS A 353 6.23 20.53 -21.74
C LYS A 353 4.82 19.97 -21.56
N GLY A 354 4.47 18.98 -22.38
CA GLY A 354 3.14 18.39 -22.34
C GLY A 354 3.11 17.14 -21.48
N PHE A 355 2.05 17.02 -20.69
CA PHE A 355 1.78 15.84 -19.85
C PHE A 355 0.34 15.42 -20.12
N ILE A 356 0.17 14.48 -21.06
CA ILE A 356 -1.14 14.11 -21.59
C ILE A 356 -1.54 12.77 -21.02
N ARG A 357 -2.56 12.76 -20.16
CA ARG A 357 -3.08 11.51 -19.62
C ARG A 357 -3.52 10.58 -20.75
N SER A 358 -3.08 9.33 -20.69
CA SER A 358 -3.21 8.43 -21.82
C SER A 358 -3.39 6.99 -21.33
N ARG A 359 -3.77 6.12 -22.25
CA ARG A 359 -3.91 4.69 -21.98
C ARG A 359 -2.80 3.95 -22.73
N LEU A 360 -1.93 3.28 -21.99
CA LEU A 360 -0.82 2.53 -22.56
C LEU A 360 -1.20 1.05 -22.67
N MET A 361 -0.94 0.46 -23.83
CA MET A 361 -1.32 -0.92 -24.10
C MET A 361 -0.19 -1.60 -24.86
N ARG A 362 -0.23 -2.93 -24.84
CA ARG A 362 0.73 -3.77 -25.56
C ARG A 362 0.05 -4.37 -26.80
N ASP A 363 0.71 -4.23 -27.96
CA ASP A 363 0.16 -4.76 -29.20
C ASP A 363 0.32 -6.28 -29.21
N ALA A 364 -0.81 -7.00 -29.27
CA ALA A 364 -0.78 -8.45 -29.16
C ALA A 364 0.04 -9.09 -30.28
N GLU A 365 0.05 -8.48 -31.47
CA GLU A 365 0.73 -9.07 -32.61
C GLU A 365 2.25 -8.91 -32.55
N THR A 366 2.76 -8.01 -31.73
CA THR A 366 4.20 -7.79 -31.67
C THR A 366 4.75 -7.48 -30.29
N GLN A 367 3.93 -7.48 -29.25
CA GLN A 367 4.30 -7.11 -27.88
C GLN A 367 4.83 -5.67 -27.80
N ASP A 368 4.63 -4.87 -28.84
CA ASP A 368 5.08 -3.49 -28.83
C ASP A 368 4.11 -2.62 -28.04
N TYR A 369 4.66 -1.57 -27.41
CA TYR A 369 3.85 -0.65 -26.62
C TYR A 369 3.10 0.32 -27.52
N LEU A 370 1.80 0.45 -27.29
CA LEU A 370 0.97 1.45 -27.95
C LEU A 370 0.35 2.36 -26.89
N VAL A 371 0.11 3.61 -27.26
CA VAL A 371 -0.44 4.59 -26.34
C VAL A 371 -1.53 5.39 -27.04
N GLU A 372 -2.66 5.58 -26.37
CA GLU A 372 -3.78 6.36 -26.87
C GLU A 372 -3.97 7.55 -25.94
N ALA A 373 -3.86 8.76 -26.49
CA ALA A 373 -4.04 9.97 -25.70
C ALA A 373 -5.53 10.23 -25.44
N LEU A 374 -5.86 10.56 -24.20
CA LEU A 374 -7.21 10.92 -23.79
C LEU A 374 -7.37 12.42 -23.57
N GLY A 375 -6.59 13.23 -24.29
CA GLY A 375 -6.66 14.68 -24.14
C GLY A 375 -6.12 15.42 -25.35
N SER A 382 -15.66 16.97 -25.03
CA SER A 382 -14.94 17.01 -23.78
C SER A 382 -14.01 15.80 -23.64
N HIS A 383 -13.23 15.77 -22.56
CA HIS A 383 -12.21 14.75 -22.40
C HIS A 383 -11.99 14.36 -20.94
N LEU A 384 -12.54 15.16 -20.01
CA LEU A 384 -12.27 14.93 -18.60
C LEU A 384 -12.76 13.56 -18.13
N LEU A 385 -13.95 13.15 -18.56
CA LEU A 385 -14.48 11.85 -18.14
C LEU A 385 -13.57 10.71 -18.62
N ALA A 386 -13.14 10.77 -19.88
CA ALA A 386 -12.25 9.73 -20.41
C ALA A 386 -10.85 9.86 -19.80
N GLY A 387 -10.38 11.09 -19.59
CA GLY A 387 -9.03 11.28 -19.08
C GLY A 387 -8.85 10.73 -17.68
N LEU A 388 -9.85 10.91 -16.82
CA LEU A 388 -9.76 10.36 -15.47
C LEU A 388 -10.21 8.92 -15.39
N SER A 389 -10.80 8.37 -16.45
CA SER A 389 -11.28 7.00 -16.39
C SER A 389 -10.20 6.02 -16.79
N GLU A 390 -10.06 5.76 -18.09
CA GLU A 390 -9.18 4.71 -18.59
C GLU A 390 -7.80 5.28 -18.89
N ALA A 391 -7.11 5.72 -17.84
CA ALA A 391 -5.77 6.29 -17.96
C ALA A 391 -4.82 5.53 -17.06
N ASN A 392 -3.74 5.01 -17.66
CA ASN A 392 -2.64 4.41 -16.90
C ASN A 392 -1.30 5.04 -17.23
N GLY A 393 -1.28 6.14 -17.97
CA GLY A 393 -0.02 6.74 -18.40
C GLY A 393 -0.18 8.21 -18.72
N MET A 394 0.98 8.85 -18.94
CA MET A 394 1.05 10.24 -19.40
C MET A 394 2.09 10.34 -20.50
N ILE A 395 1.67 10.77 -21.69
CA ILE A 395 2.61 11.10 -22.75
C ILE A 395 3.36 12.36 -22.35
N ARG A 396 4.69 12.29 -22.37
CA ARG A 396 5.55 13.42 -22.01
C ARG A 396 6.05 14.07 -23.31
N ILE A 397 5.53 15.25 -23.62
CA ILE A 397 5.82 15.94 -24.87
C ILE A 397 6.93 16.96 -24.61
N PRO A 398 8.07 16.87 -25.30
CA PRO A 398 9.13 17.86 -25.10
C PRO A 398 8.68 19.28 -25.44
N GLU A 399 9.38 20.25 -24.85
CA GLU A 399 9.03 21.66 -25.05
C GLU A 399 8.99 22.02 -26.52
N ASP A 400 10.00 21.58 -27.29
CA ASP A 400 10.11 21.98 -28.69
C ASP A 400 9.19 21.20 -29.62
N VAL A 401 8.58 20.12 -29.15
CA VAL A 401 7.64 19.37 -29.97
C VAL A 401 6.28 20.05 -29.92
N THR A 402 5.67 20.27 -31.08
CA THR A 402 4.38 20.96 -31.13
C THR A 402 3.22 20.05 -31.53
N GLU A 403 3.49 18.89 -32.10
CA GLU A 403 2.42 18.00 -32.52
C GLU A 403 2.91 16.56 -32.46
N ILE A 404 2.04 15.66 -32.02
CA ILE A 404 2.24 14.23 -32.13
C ILE A 404 1.19 13.68 -33.09
N ARG A 405 1.62 12.89 -34.07
CA ARG A 405 0.73 12.28 -35.03
C ARG A 405 0.78 10.77 -34.90
N PRO A 406 -0.28 10.07 -35.31
CA PRO A 406 -0.28 8.60 -35.22
C PRO A 406 0.95 7.99 -35.91
N GLY A 407 1.55 7.02 -35.24
CA GLY A 407 2.77 6.40 -35.69
C GLY A 407 4.04 6.95 -35.05
N ASP A 408 3.95 8.10 -34.38
CA ASP A 408 5.10 8.66 -33.69
C ASP A 408 5.45 7.83 -32.45
N VAL A 409 6.75 7.64 -32.22
CA VAL A 409 7.22 6.99 -31.01
C VAL A 409 7.47 8.08 -29.96
N VAL A 410 6.81 7.96 -28.81
CA VAL A 410 6.83 9.00 -27.79
C VAL A 410 7.16 8.37 -26.44
N ASP A 411 7.63 9.23 -25.53
CA ASP A 411 7.86 8.83 -24.15
C ASP A 411 6.54 8.84 -23.39
N VAL A 412 6.23 7.74 -22.70
CA VAL A 412 5.01 7.62 -21.91
C VAL A 412 5.43 7.32 -20.48
N ILE A 413 5.07 8.22 -19.56
CA ILE A 413 5.27 7.99 -18.14
C ILE A 413 4.24 6.96 -17.68
N PHE A 414 4.71 5.84 -17.15
CA PHE A 414 3.83 4.75 -16.75
C PHE A 414 3.33 5.01 -15.34
N LEU A 415 2.03 5.24 -15.20
CA LEU A 415 1.40 5.51 -13.91
C LEU A 415 0.98 4.17 -13.29
N ALA A 416 1.95 3.54 -12.63
CA ALA A 416 1.71 2.25 -12.02
C ALA A 416 0.74 2.36 -10.85
N GLN A 417 -0.19 1.42 -10.77
CA GLN A 417 -1.23 1.43 -9.74
C GLN A 417 -0.64 1.04 -8.38
N MET B 1 2.55 -37.68 2.77
CA MET B 1 3.27 -36.51 2.29
C MET B 1 2.75 -36.10 0.93
N ARG B 2 2.41 -34.82 0.77
CA ARG B 2 1.97 -34.28 -0.50
C ARG B 2 3.03 -33.34 -1.06
N SER B 3 2.99 -33.15 -2.37
CA SER B 3 3.92 -32.24 -3.02
C SER B 3 3.50 -30.80 -2.76
N VAL B 4 4.39 -29.86 -3.07
CA VAL B 4 4.04 -28.44 -2.98
C VAL B 4 2.88 -28.12 -3.90
N GLU B 5 2.90 -28.66 -5.13
CA GLU B 5 1.84 -28.40 -6.10
C GLU B 5 0.48 -28.87 -5.57
N GLN B 6 0.42 -30.06 -4.99
CA GLN B 6 -0.84 -30.58 -4.48
C GLN B 6 -1.35 -29.74 -3.32
N GLN B 7 -0.46 -29.32 -2.41
CA GLN B 7 -0.88 -28.49 -1.29
C GLN B 7 -1.36 -27.13 -1.76
N LEU B 8 -0.66 -26.53 -2.73
CA LEU B 8 -1.08 -25.23 -3.25
C LEU B 8 -2.46 -25.33 -3.90
N SER B 9 -2.73 -26.45 -4.59
CA SER B 9 -4.04 -26.64 -5.19
C SER B 9 -5.12 -26.71 -4.12
N ILE B 10 -4.85 -27.39 -3.01
CA ILE B 10 -5.84 -27.54 -1.96
C ILE B 10 -6.21 -26.18 -1.36
N VAL B 11 -5.20 -25.39 -0.97
CA VAL B 11 -5.50 -24.16 -0.25
C VAL B 11 -6.12 -23.12 -1.18
N THR B 12 -5.66 -23.05 -2.44
CA THR B 12 -6.21 -22.05 -3.36
C THR B 12 -7.66 -22.39 -3.71
N GLU B 13 -7.97 -23.67 -3.89
CA GLU B 13 -9.35 -24.06 -4.21
C GLU B 13 -10.32 -23.75 -3.09
N ALA B 14 -9.84 -23.65 -1.85
CA ALA B 14 -10.68 -23.38 -0.69
C ALA B 14 -10.81 -21.89 -0.37
N ALA B 15 -10.10 -21.02 -1.09
CA ALA B 15 -10.07 -19.60 -0.75
C ALA B 15 -11.47 -18.98 -0.76
N VAL B 16 -11.74 -18.17 0.26
CA VAL B 16 -13.04 -17.54 0.44
C VAL B 16 -12.95 -16.10 -0.06
N ALA B 17 -13.77 -15.76 -1.03
CA ALA B 17 -13.82 -14.38 -1.52
C ALA B 17 -14.62 -13.53 -0.54
N PRO B 18 -14.07 -12.41 -0.06
CA PRO B 18 -14.84 -11.56 0.86
C PRO B 18 -16.07 -10.98 0.17
N GLU B 19 -17.12 -10.80 0.96
CA GLU B 19 -18.34 -10.20 0.41
C GLU B 19 -18.10 -8.73 0.11
N PRO B 20 -18.66 -8.21 -0.97
CA PRO B 20 -18.49 -6.78 -1.26
C PRO B 20 -19.07 -5.93 -0.13
N VAL B 21 -18.47 -4.76 0.07
CA VAL B 21 -18.93 -3.81 1.07
C VAL B 21 -19.02 -2.42 0.45
N ARG B 22 -19.97 -1.64 0.91
CA ARG B 22 -20.15 -0.25 0.52
C ARG B 22 -19.44 0.63 1.54
N ILE B 23 -18.45 1.39 1.09
CA ILE B 23 -17.59 2.18 1.97
C ILE B 23 -17.43 3.58 1.41
N ALA B 24 -17.02 4.50 2.29
CA ALA B 24 -16.67 5.85 1.86
C ALA B 24 -15.58 5.80 0.81
N ILE B 25 -15.66 6.71 -0.16
CA ILE B 25 -14.81 6.59 -1.35
C ILE B 25 -13.34 6.72 -1.01
N ALA B 26 -12.99 7.53 0.00
CA ALA B 26 -11.58 7.69 0.36
C ALA B 26 -10.96 6.37 0.83
N GLU B 27 -11.74 5.51 1.47
CA GLU B 27 -11.24 4.23 1.96
C GLU B 27 -11.17 3.17 0.87
N ALA B 28 -11.65 3.47 -0.34
CA ALA B 28 -11.67 2.50 -1.43
C ALA B 28 -10.41 2.53 -2.28
N LEU B 29 -9.42 3.34 -1.91
CA LEU B 29 -8.22 3.50 -2.71
C LEU B 29 -7.49 2.17 -2.88
N GLY B 30 -7.20 1.82 -4.13
CA GLY B 30 -6.48 0.59 -4.42
C GLY B 30 -7.34 -0.65 -4.42
N LEU B 31 -8.63 -0.54 -4.13
CA LEU B 31 -9.55 -1.67 -4.15
C LEU B 31 -10.29 -1.73 -5.47
N MET B 32 -10.74 -2.94 -5.81
CA MET B 32 -11.49 -3.17 -7.03
C MET B 32 -12.96 -2.78 -6.83
N CYS B 33 -13.49 -2.00 -7.75
CA CYS B 33 -14.89 -1.60 -7.67
C CYS B 33 -15.79 -2.80 -7.95
N ALA B 34 -16.84 -2.96 -7.15
CA ALA B 34 -17.74 -4.11 -7.24
C ALA B 34 -19.07 -3.78 -7.89
N GLU B 35 -19.21 -2.57 -8.43
CA GLU B 35 -20.46 -2.17 -9.05
C GLU B 35 -20.16 -1.22 -10.20
N GLU B 36 -21.07 -1.17 -11.15
CA GLU B 36 -21.02 -0.13 -12.15
C GLU B 36 -21.56 1.15 -11.54
N VAL B 37 -20.80 2.24 -11.67
CA VAL B 37 -21.20 3.51 -11.09
C VAL B 37 -21.59 4.44 -12.23
N GLN B 38 -22.87 4.82 -12.26
CA GLN B 38 -23.37 5.79 -13.21
C GLN B 38 -23.48 7.14 -12.50
N ALA B 39 -23.20 8.21 -13.22
CA ALA B 39 -23.37 9.54 -12.67
C ALA B 39 -24.86 9.84 -12.47
N SER B 40 -25.17 10.41 -11.31
CA SER B 40 -26.52 10.91 -11.04
C SER B 40 -26.61 12.42 -11.16
N ARG B 41 -25.47 13.11 -11.16
CA ARG B 41 -25.42 14.56 -11.31
C ARG B 41 -24.48 14.91 -12.44
N ALA B 42 -24.86 15.92 -13.21
CA ALA B 42 -24.03 16.42 -14.30
C ALA B 42 -22.78 17.12 -13.78
N LEU B 43 -21.71 17.03 -14.57
CA LEU B 43 -20.48 17.78 -14.29
C LEU B 43 -20.18 18.63 -15.51
N PRO B 44 -20.14 19.97 -15.39
CA PRO B 44 -20.48 20.74 -14.19
C PRO B 44 -21.97 20.65 -13.89
N GLY B 45 -22.40 20.95 -12.66
CA GLY B 45 -23.81 20.85 -12.37
C GLY B 45 -24.67 21.98 -12.90
N PHE B 46 -24.06 22.93 -13.59
CA PHE B 46 -24.75 24.11 -14.08
C PHE B 46 -23.88 24.74 -15.17
N ALA B 47 -24.52 25.47 -16.07
CA ALA B 47 -23.79 26.18 -17.10
C ALA B 47 -22.89 27.24 -16.47
N GLN B 48 -21.62 27.24 -16.89
CA GLN B 48 -20.62 28.14 -16.33
C GLN B 48 -19.97 28.97 -17.41
N ALA B 49 -19.55 30.18 -17.03
CA ALA B 49 -18.68 30.97 -17.90
C ALA B 49 -17.34 30.28 -18.02
N ALA B 50 -16.85 30.12 -19.24
CA ALA B 50 -15.55 29.51 -19.45
C ALA B 50 -14.41 30.50 -19.41
N ILE B 51 -14.70 31.81 -19.38
CA ILE B 51 -13.70 32.88 -19.41
C ILE B 51 -14.30 34.08 -18.69
N ASP B 52 -13.44 35.05 -18.36
CA ASP B 52 -13.91 36.34 -17.88
C ASP B 52 -14.59 37.10 -19.03
N GLY B 53 -15.75 37.68 -18.76
CA GLY B 53 -16.43 38.42 -19.82
C GLY B 53 -17.85 38.78 -19.44
N TYR B 54 -18.73 38.76 -20.45
CA TYR B 54 -20.12 39.17 -20.27
C TYR B 54 -21.03 38.06 -20.78
N ALA B 55 -21.85 37.52 -19.89
CA ALA B 55 -22.89 36.59 -20.32
C ALA B 55 -23.95 37.37 -21.11
N VAL B 56 -24.25 36.90 -22.32
CA VAL B 56 -25.19 37.57 -23.22
C VAL B 56 -26.03 36.53 -23.93
N ARG B 57 -27.00 37.02 -24.70
CA ARG B 57 -27.57 36.25 -25.79
C ARG B 57 -26.73 36.53 -27.03
N ALA B 58 -26.24 35.47 -27.68
CA ALA B 58 -25.35 35.65 -28.82
C ALA B 58 -25.97 36.54 -29.89
N VAL B 59 -27.28 36.41 -30.12
CA VAL B 59 -27.93 37.20 -31.17
C VAL B 59 -27.79 38.70 -30.89
N ASP B 60 -27.69 39.09 -29.62
CA ASP B 60 -27.57 40.51 -29.28
C ASP B 60 -26.17 41.06 -29.50
N VAL B 61 -25.16 40.21 -29.73
CA VAL B 61 -23.81 40.69 -29.97
C VAL B 61 -23.32 40.18 -31.33
N GLY B 62 -24.24 40.06 -32.29
CA GLY B 62 -23.86 39.70 -33.64
C GLY B 62 -23.69 38.23 -33.90
N GLY B 63 -24.17 37.37 -33.01
CA GLY B 63 -23.96 35.93 -33.13
C GLY B 63 -24.66 35.26 -34.29
N GLU B 64 -25.54 35.96 -35.01
CA GLU B 64 -26.23 35.35 -36.14
C GLU B 64 -25.98 36.11 -37.44
N LYS B 65 -24.99 37.00 -37.45
CA LYS B 65 -24.62 37.69 -38.68
C LYS B 65 -23.97 36.75 -39.69
N SER B 66 -23.40 35.64 -39.24
CA SER B 66 -22.77 34.68 -40.14
C SER B 66 -23.76 33.73 -40.80
N LEU B 67 -25.05 34.03 -40.74
CA LEU B 67 -26.08 33.17 -41.32
C LEU B 67 -26.74 33.83 -42.53
N LYS B 78 -25.93 50.37 -29.92
CA LYS B 78 -25.07 49.19 -30.04
C LYS B 78 -24.60 48.70 -28.66
N SER B 79 -24.74 49.57 -27.65
CA SER B 79 -24.28 49.27 -26.30
C SER B 79 -25.37 48.54 -25.52
N LEU B 80 -24.93 47.65 -24.61
CA LEU B 80 -25.86 46.85 -23.81
C LEU B 80 -25.68 47.15 -22.33
N PRO B 81 -26.77 47.26 -21.56
CA PRO B 81 -26.63 47.50 -20.12
C PRO B 81 -26.04 46.29 -19.41
N VAL B 82 -25.15 46.57 -18.46
CA VAL B 82 -24.59 45.54 -17.59
C VAL B 82 -25.46 45.52 -16.34
N VAL B 83 -26.17 44.41 -16.12
CA VAL B 83 -27.21 44.35 -15.11
C VAL B 83 -26.82 43.45 -13.94
N GLY B 84 -25.57 43.04 -13.85
CA GLY B 84 -25.13 42.26 -12.71
C GLY B 84 -23.70 41.83 -12.89
N GLU B 85 -23.15 41.28 -11.81
CA GLU B 85 -21.82 40.70 -11.82
C GLU B 85 -21.86 39.41 -11.02
N VAL B 86 -21.39 38.32 -11.61
CA VAL B 86 -21.45 37.00 -11.01
C VAL B 86 -20.04 36.46 -10.87
N ALA B 87 -19.67 36.09 -9.64
CA ALA B 87 -18.43 35.41 -9.35
C ALA B 87 -18.70 33.93 -9.07
N ALA B 88 -17.63 33.14 -9.10
CA ALA B 88 -17.76 31.73 -8.76
C ALA B 88 -18.33 31.60 -7.34
N GLY B 89 -19.26 30.66 -7.17
CA GLY B 89 -19.91 30.48 -5.89
C GLY B 89 -21.14 31.31 -5.65
N SER B 90 -21.52 32.15 -6.61
CA SER B 90 -22.71 32.99 -6.45
C SER B 90 -23.96 32.15 -6.23
N GLN B 91 -24.72 32.50 -5.20
CA GLN B 91 -25.93 31.80 -4.82
C GLN B 91 -27.18 32.56 -5.20
N GLN B 92 -27.06 33.64 -5.96
CA GLN B 92 -28.31 34.31 -6.25
C GLN B 92 -28.75 34.01 -7.67
N PRO B 93 -30.05 33.73 -7.87
CA PRO B 93 -30.53 33.52 -9.24
C PRO B 93 -30.48 34.82 -10.02
N LEU B 94 -30.15 34.71 -11.29
CA LEU B 94 -30.12 35.85 -12.20
C LEU B 94 -30.68 35.40 -13.55
N ARG B 95 -31.63 36.16 -14.07
CA ARG B 95 -32.25 35.90 -15.36
C ARG B 95 -31.88 37.03 -16.31
N LEU B 96 -31.36 36.68 -17.49
CA LEU B 96 -30.98 37.68 -18.48
C LEU B 96 -32.17 38.00 -19.38
N GLN B 97 -32.55 39.28 -19.43
CA GLN B 97 -33.58 39.74 -20.34
C GLN B 97 -32.96 40.04 -21.70
N PRO B 98 -33.76 40.12 -22.76
CA PRO B 98 -33.20 40.47 -24.07
C PRO B 98 -32.40 41.76 -24.01
N LYS B 99 -31.30 41.81 -24.77
CA LYS B 99 -30.45 42.98 -24.91
C LYS B 99 -29.85 43.41 -23.56
N GLN B 100 -29.49 42.43 -22.74
CA GLN B 100 -28.81 42.69 -21.48
C GLN B 100 -27.54 41.86 -21.41
N ALA B 101 -26.61 42.32 -20.56
CA ALA B 101 -25.35 41.64 -20.32
C ALA B 101 -25.09 41.57 -18.83
N VAL B 102 -24.38 40.51 -18.42
CA VAL B 102 -23.99 40.30 -17.03
C VAL B 102 -22.51 39.99 -17.01
N MET B 103 -21.74 40.77 -16.25
CA MET B 103 -20.32 40.48 -16.09
CA MET B 103 -20.32 40.49 -16.08
C MET B 103 -20.14 39.15 -15.38
N VAL B 104 -19.28 38.29 -15.92
CA VAL B 104 -19.04 36.98 -15.35
C VAL B 104 -17.54 36.73 -15.27
N HIS B 105 -17.13 36.04 -14.21
CA HIS B 105 -15.78 35.52 -14.06
C HIS B 105 -15.77 34.03 -14.41
N THR B 106 -14.59 33.54 -14.78
CA THR B 106 -14.42 32.12 -15.11
C THR B 106 -14.98 31.24 -14.01
N GLY B 107 -15.83 30.28 -14.40
CA GLY B 107 -16.46 29.37 -13.47
C GLY B 107 -17.75 29.87 -12.86
N ALA B 108 -18.10 31.14 -13.07
CA ALA B 108 -19.32 31.66 -12.48
C ALA B 108 -20.56 31.00 -13.10
N PRO B 109 -21.62 30.83 -12.32
CA PRO B 109 -22.86 30.29 -12.89
C PRO B 109 -23.44 31.26 -13.91
N LEU B 110 -23.71 30.74 -15.09
CA LEU B 110 -24.30 31.55 -16.15
C LEU B 110 -25.71 31.99 -15.76
N PRO B 111 -26.06 33.26 -15.97
CA PRO B 111 -27.45 33.67 -15.78
C PRO B 111 -28.40 32.84 -16.64
N MET B 112 -29.58 32.56 -16.08
CA MET B 112 -30.62 31.91 -16.89
C MET B 112 -30.95 32.77 -18.10
N LEU B 113 -31.22 32.10 -19.22
CA LEU B 113 -31.64 32.66 -20.52
C LEU B 113 -30.46 33.25 -21.29
N ALA B 114 -29.24 33.21 -20.78
CA ALA B 114 -28.07 33.53 -21.59
C ALA B 114 -27.61 32.27 -22.33
N ASP B 115 -26.92 32.47 -23.46
CA ASP B 115 -26.41 31.31 -24.21
C ASP B 115 -24.97 31.49 -24.68
N ALA B 116 -24.29 32.57 -24.29
CA ALA B 116 -22.92 32.81 -24.73
C ALA B 116 -22.23 33.74 -23.75
N VAL B 117 -20.90 33.80 -23.84
CA VAL B 117 -20.07 34.73 -23.06
C VAL B 117 -19.22 35.54 -24.04
N LEU B 118 -19.39 36.85 -24.00
CA LEU B 118 -18.51 37.75 -24.75
C LEU B 118 -17.20 37.93 -23.99
N PRO B 119 -16.05 37.58 -24.57
CA PRO B 119 -14.78 37.75 -23.85
C PRO B 119 -14.53 39.19 -23.46
N MET B 120 -13.91 39.36 -22.30
CA MET B 120 -13.53 40.70 -21.84
C MET B 120 -12.76 41.45 -22.92
N ALA B 121 -11.81 40.78 -23.56
CA ALA B 121 -10.96 41.43 -24.55
C ALA B 121 -11.70 41.77 -25.84
N TRP B 122 -12.88 41.18 -26.09
CA TRP B 122 -13.67 41.49 -27.26
C TRP B 122 -14.77 42.51 -26.97
N SER B 123 -14.56 43.35 -25.95
CA SER B 123 -15.53 44.35 -25.55
C SER B 123 -14.80 45.64 -25.23
N ASP B 124 -15.57 46.71 -24.99
CA ASP B 124 -14.98 47.94 -24.50
C ASP B 124 -14.80 47.94 -22.98
N ARG B 125 -15.07 46.82 -22.32
CA ARG B 125 -14.87 46.64 -20.88
C ARG B 125 -15.73 47.59 -20.04
N GLY B 126 -16.85 48.07 -20.60
CA GLY B 126 -17.69 48.98 -19.84
C GLY B 126 -18.25 48.32 -18.59
N ARG B 127 -18.30 49.09 -17.51
CA ARG B 127 -18.80 48.58 -16.24
C ARG B 127 -20.32 48.67 -16.12
N LYS B 128 -20.94 49.71 -16.67
CA LYS B 128 -22.39 49.87 -16.62
C LYS B 128 -23.07 49.54 -17.95
N ARG B 129 -22.43 49.86 -19.08
CA ARG B 129 -22.90 49.44 -20.39
C ARG B 129 -21.71 48.91 -21.19
N VAL B 130 -21.91 47.80 -21.90
CA VAL B 130 -20.83 47.13 -22.60
C VAL B 130 -21.14 47.09 -24.09
N THR B 131 -20.13 47.39 -24.90
CA THR B 131 -20.22 47.34 -26.36
C THR B 131 -19.36 46.18 -26.86
N ALA B 132 -19.97 45.30 -27.66
CA ALA B 132 -19.24 44.17 -28.21
C ALA B 132 -18.41 44.62 -29.41
N GLN B 133 -17.11 44.35 -29.37
CA GLN B 133 -16.20 44.65 -30.46
C GLN B 133 -16.08 43.54 -31.48
N ARG B 134 -16.44 42.30 -31.12
CA ARG B 134 -16.43 41.17 -32.01
C ARG B 134 -17.62 40.27 -31.67
N PRO B 135 -18.11 39.50 -32.63
CA PRO B 135 -19.27 38.64 -32.35
C PRO B 135 -18.87 37.33 -31.67
N VAL B 136 -19.80 36.81 -30.87
CA VAL B 136 -19.72 35.44 -30.40
C VAL B 136 -20.99 34.72 -30.82
N ARG B 137 -20.86 33.44 -31.14
CA ARG B 137 -22.00 32.65 -31.54
C ARG B 137 -22.59 31.90 -30.35
N SER B 138 -23.81 31.40 -30.52
CA SER B 138 -24.52 30.74 -29.45
C SER B 138 -23.73 29.55 -28.92
N GLY B 139 -23.54 29.51 -27.59
CA GLY B 139 -22.79 28.47 -26.94
C GLY B 139 -21.32 28.75 -26.74
N GLU B 140 -20.77 29.76 -27.41
CA GLU B 140 -19.34 30.03 -27.35
C GLU B 140 -18.93 30.52 -25.97
N PHE B 141 -17.78 30.01 -25.50
CA PHE B 141 -17.18 30.40 -24.22
C PHE B 141 -18.09 30.09 -23.03
N VAL B 142 -18.95 29.09 -23.19
CA VAL B 142 -19.82 28.58 -22.13
C VAL B 142 -19.46 27.12 -21.91
N ARG B 143 -19.29 26.74 -20.65
CA ARG B 143 -19.14 25.34 -20.27
C ARG B 143 -20.53 24.88 -19.86
N LYS B 144 -21.22 24.17 -20.75
CA LYS B 144 -22.63 23.87 -20.52
C LYS B 144 -22.78 22.82 -19.42
N GLU B 145 -23.96 22.80 -18.81
CA GLU B 145 -24.25 21.79 -17.80
C GLU B 145 -24.12 20.41 -18.41
N GLY B 146 -23.38 19.55 -17.74
CA GLY B 146 -23.14 18.20 -18.24
C GLY B 146 -22.13 18.11 -19.35
N ASP B 147 -21.35 19.18 -19.59
CA ASP B 147 -20.38 19.17 -20.67
C ASP B 147 -19.37 18.04 -20.50
N ASP B 148 -18.92 17.80 -19.27
CA ASP B 148 -17.93 16.76 -19.00
C ASP B 148 -18.56 15.40 -18.72
N ILE B 149 -19.63 15.38 -17.93
CA ILE B 149 -20.29 14.15 -17.53
C ILE B 149 -21.79 14.42 -17.45
N GLN B 150 -22.58 13.52 -17.99
CA GLN B 150 -24.03 13.61 -17.92
C GLN B 150 -24.58 12.50 -17.04
N PRO B 151 -25.75 12.68 -16.46
CA PRO B 151 -26.36 11.59 -15.70
C PRO B 151 -26.54 10.36 -16.58
N GLY B 152 -26.25 9.19 -15.99
CA GLY B 152 -26.25 7.95 -16.72
C GLY B 152 -24.93 7.55 -17.32
N ASP B 153 -24.00 8.51 -17.48
CA ASP B 153 -22.65 8.17 -17.93
C ASP B 153 -21.98 7.26 -16.92
N ILE B 154 -21.22 6.29 -17.42
CA ILE B 154 -20.49 5.36 -16.55
C ILE B 154 -19.27 6.10 -16.01
N ALA B 155 -19.28 6.38 -14.71
CA ALA B 155 -18.12 7.00 -14.08
C ALA B 155 -17.03 5.96 -13.80
N VAL B 156 -17.41 4.83 -13.20
CA VAL B 156 -16.49 3.74 -12.89
C VAL B 156 -17.16 2.44 -13.29
N SER B 157 -16.42 1.57 -13.98
CA SER B 157 -16.92 0.27 -14.36
C SER B 157 -16.63 -0.75 -13.27
N ALA B 158 -17.48 -1.77 -13.19
CA ALA B 158 -17.23 -2.88 -12.29
C ALA B 158 -15.94 -3.58 -12.68
N GLY B 159 -15.12 -3.90 -11.68
CA GLY B 159 -13.85 -4.54 -11.92
C GLY B 159 -12.67 -3.59 -12.03
N ALA B 160 -12.90 -2.30 -12.12
CA ALA B 160 -11.82 -1.33 -12.19
C ALA B 160 -11.20 -1.10 -10.82
N VAL B 161 -9.87 -0.99 -10.78
CA VAL B 161 -9.18 -0.61 -9.55
C VAL B 161 -9.39 0.87 -9.31
N LEU B 162 -9.72 1.24 -8.07
CA LEU B 162 -10.05 2.62 -7.73
C LEU B 162 -8.77 3.37 -7.36
N GLY B 163 -8.24 4.14 -8.30
CA GLY B 163 -7.11 5.00 -8.05
C GLY B 163 -7.55 6.43 -7.72
N PRO B 164 -6.58 7.33 -7.56
CA PRO B 164 -6.93 8.72 -7.21
C PRO B 164 -7.88 9.39 -8.20
N ALA B 165 -7.69 9.16 -9.50
CA ALA B 165 -8.59 9.75 -10.49
C ALA B 165 -10.00 9.19 -10.36
N GLN B 166 -10.15 7.90 -10.09
CA GLN B 166 -11.48 7.33 -9.94
C GLN B 166 -12.17 7.87 -8.68
N ILE B 167 -11.42 8.06 -7.60
CA ILE B 167 -11.99 8.65 -6.40
C ILE B 167 -12.43 10.08 -6.68
N GLY B 168 -11.62 10.83 -7.43
CA GLY B 168 -12.02 12.16 -7.83
C GLY B 168 -13.29 12.15 -8.68
N LEU B 169 -13.39 11.18 -9.60
CA LEU B 169 -14.58 11.05 -10.42
C LEU B 169 -15.81 10.75 -9.59
N LEU B 170 -15.68 9.86 -8.61
CA LEU B 170 -16.82 9.56 -7.73
C LEU B 170 -17.28 10.81 -7.00
N ALA B 171 -16.33 11.59 -6.48
CA ALA B 171 -16.70 12.84 -5.80
C ALA B 171 -17.33 13.84 -6.75
N ALA B 172 -16.87 13.87 -8.01
CA ALA B 172 -17.40 14.84 -8.97
C ALA B 172 -18.86 14.58 -9.33
N VAL B 173 -19.30 13.33 -9.25
CA VAL B 173 -20.69 12.99 -9.54
C VAL B 173 -21.51 12.82 -8.26
N GLY B 174 -20.97 13.22 -7.11
CA GLY B 174 -21.71 13.21 -5.87
C GLY B 174 -21.88 11.86 -5.20
N ARG B 175 -21.01 10.91 -5.49
CA ARG B 175 -21.06 9.62 -4.83
C ARG B 175 -20.08 9.67 -3.66
N SER B 176 -20.62 9.62 -2.44
CA SER B 176 -19.79 9.58 -1.24
C SER B 176 -19.35 8.17 -0.87
N LYS B 177 -20.07 7.14 -1.34
CA LYS B 177 -19.75 5.76 -1.01
C LYS B 177 -19.79 4.92 -2.28
N VAL B 178 -19.04 3.80 -2.25
CA VAL B 178 -18.91 2.93 -3.41
C VAL B 178 -18.77 1.49 -2.95
N LEU B 179 -19.36 0.56 -3.72
CA LEU B 179 -19.24 -0.86 -3.43
C LEU B 179 -17.93 -1.41 -3.98
N VAL B 180 -17.14 -2.06 -3.13
CA VAL B 180 -15.84 -2.57 -3.52
C VAL B 180 -15.69 -4.02 -3.07
N TYR B 181 -14.71 -4.70 -3.67
CA TYR B 181 -14.28 -5.99 -3.17
C TYR B 181 -13.21 -5.75 -2.11
N PRO B 182 -13.49 -5.98 -0.84
CA PRO B 182 -12.55 -5.60 0.22
C PRO B 182 -11.38 -6.57 0.29
N ARG B 183 -10.34 -6.14 1.01
CA ARG B 183 -9.22 -7.02 1.28
C ARG B 183 -9.69 -8.18 2.15
N PRO B 184 -9.19 -9.40 1.91
CA PRO B 184 -9.56 -10.52 2.77
C PRO B 184 -9.07 -10.29 4.20
N ARG B 185 -9.93 -10.61 5.15
CA ARG B 185 -9.63 -10.41 6.56
C ARG B 185 -8.87 -11.62 7.11
N MET B 186 -7.72 -11.36 7.72
CA MET B 186 -6.87 -12.41 8.27
C MET B 186 -6.69 -12.20 9.76
N SER B 187 -6.89 -13.27 10.53
CA SER B 187 -6.61 -13.28 11.95
C SER B 187 -5.36 -14.13 12.19
N VAL B 188 -4.39 -13.57 12.90
CA VAL B 188 -3.12 -14.23 13.19
C VAL B 188 -3.08 -14.55 14.67
N ILE B 189 -2.92 -15.84 14.99
CA ILE B 189 -2.96 -16.34 16.37
C ILE B 189 -1.70 -17.14 16.65
N SER B 190 -1.15 -16.97 17.85
CA SER B 190 -0.05 -17.80 18.33
C SER B 190 -0.52 -18.63 19.51
N VAL B 191 -0.13 -19.89 19.53
CA VAL B 191 -0.55 -20.86 20.55
C VAL B 191 0.69 -21.52 21.14
N GLY B 192 0.70 -21.68 22.45
CA GLY B 192 1.79 -22.36 23.13
C GLY B 192 2.00 -21.85 24.55
N ALA B 193 2.06 -22.77 25.52
CA ALA B 193 2.26 -22.40 26.92
C ALA B 193 3.60 -21.69 27.15
N GLU B 194 4.56 -21.85 26.24
CA GLU B 194 5.86 -21.22 26.39
C GLU B 194 5.86 -19.74 26.03
N LEU B 195 4.81 -19.24 25.39
CA LEU B 195 4.83 -17.93 24.77
C LEU B 195 4.56 -16.81 25.78
N VAL B 196 5.33 -15.73 25.67
CA VAL B 196 5.07 -14.48 26.37
C VAL B 196 5.15 -13.35 25.36
N ASP B 197 4.39 -12.29 25.62
CA ASP B 197 4.44 -11.11 24.77
C ASP B 197 5.74 -10.34 25.00
N ILE B 198 6.00 -9.39 24.11
CA ILE B 198 7.32 -8.75 24.06
C ILE B 198 7.50 -7.68 25.12
N ASP B 199 6.47 -7.35 25.88
CA ASP B 199 6.62 -6.46 27.03
C ASP B 199 6.98 -7.20 28.31
N ARG B 200 7.05 -8.52 28.27
CA ARG B 200 7.37 -9.35 29.43
C ARG B 200 8.84 -9.77 29.39
N GLN B 201 9.34 -10.23 30.54
CA GLN B 201 10.67 -10.79 30.64
C GLN B 201 10.58 -12.30 30.65
N PRO B 202 10.97 -13.00 29.58
CA PRO B 202 10.85 -14.46 29.57
C PRO B 202 11.74 -15.11 30.61
N GLY B 203 11.15 -16.00 31.41
CA GLY B 203 11.89 -16.83 32.34
C GLY B 203 12.29 -18.15 31.71
N LEU B 204 12.65 -19.10 32.57
CA LEU B 204 12.95 -20.45 32.12
C LEU B 204 11.74 -21.06 31.43
N GLY B 205 11.97 -21.63 30.25
CA GLY B 205 10.90 -22.25 29.50
C GLY B 205 10.04 -21.30 28.69
N GLN B 206 10.32 -19.99 28.74
CA GLN B 206 9.50 -19.00 28.08
C GLN B 206 10.22 -18.40 26.87
N VAL B 207 9.45 -18.09 25.84
CA VAL B 207 9.94 -17.55 24.57
C VAL B 207 9.02 -16.43 24.13
N TYR B 208 9.61 -15.38 23.57
CA TYR B 208 8.80 -14.29 23.02
C TYR B 208 7.92 -14.80 21.87
N ASP B 209 6.71 -14.26 21.79
CA ASP B 209 5.80 -14.56 20.68
C ASP B 209 6.27 -13.81 19.45
N VAL B 210 7.18 -14.43 18.69
CA VAL B 210 7.72 -13.81 17.49
C VAL B 210 6.71 -13.85 16.35
N ASN B 211 6.02 -14.99 16.18
CA ASN B 211 5.34 -15.27 14.92
C ASN B 211 4.12 -14.38 14.69
N SER B 212 3.38 -14.01 15.73
CA SER B 212 2.20 -13.20 15.47
C SER B 212 2.60 -11.84 14.87
N TYR B 213 3.75 -11.31 15.27
CA TYR B 213 4.19 -10.03 14.71
C TYR B 213 4.71 -10.20 13.29
N SER B 214 5.55 -11.22 13.05
CA SER B 214 6.12 -11.37 11.72
C SER B 214 5.07 -11.78 10.70
N LEU B 215 4.16 -12.67 11.09
CA LEU B 215 3.17 -13.15 10.12
C LEU B 215 2.05 -12.13 9.90
N ALA B 216 1.69 -11.34 10.92
CA ALA B 216 0.78 -10.24 10.68
C ALA B 216 1.38 -9.26 9.68
N ALA B 217 2.67 -8.97 9.81
CA ALA B 217 3.33 -8.08 8.86
C ALA B 217 3.34 -8.69 7.46
N ALA B 218 3.64 -9.99 7.36
CA ALA B 218 3.64 -10.64 6.06
C ALA B 218 2.24 -10.64 5.46
N GLY B 219 1.21 -10.75 6.30
CA GLY B 219 -0.16 -10.68 5.80
C GLY B 219 -0.50 -9.30 5.27
N ARG B 220 -0.04 -8.25 5.94
CA ARG B 220 -0.32 -6.90 5.45
C ARG B 220 0.40 -6.66 4.11
N GLU B 221 1.66 -7.10 4.00
CA GLU B 221 2.39 -6.94 2.76
C GLU B 221 1.74 -7.72 1.62
N ALA B 222 1.13 -8.88 1.93
CA ALA B 222 0.44 -9.66 0.90
C ALA B 222 -0.86 -9.00 0.44
N GLY B 223 -1.39 -8.04 1.20
CA GLY B 223 -2.60 -7.35 0.81
C GLY B 223 -3.83 -7.68 1.64
N ALA B 224 -3.68 -8.42 2.73
CA ALA B 224 -4.80 -8.77 3.58
C ALA B 224 -5.09 -7.66 4.59
N ASP B 225 -6.32 -7.67 5.09
CA ASP B 225 -6.74 -6.81 6.20
C ASP B 225 -6.53 -7.63 7.47
N VAL B 226 -5.42 -7.36 8.16
CA VAL B 226 -4.89 -8.27 9.17
C VAL B 226 -5.25 -7.77 10.57
N TYR B 227 -5.76 -8.68 11.40
CA TYR B 227 -5.91 -8.46 12.83
C TYR B 227 -5.00 -9.45 13.54
N ARG B 228 -4.04 -8.92 14.30
CA ARG B 228 -3.11 -9.76 15.06
C ARG B 228 -3.72 -10.01 16.43
N TYR B 229 -4.29 -11.20 16.62
CA TYR B 229 -4.83 -11.52 17.94
C TYR B 229 -3.71 -11.67 18.97
N GLY B 230 -2.57 -12.23 18.55
CA GLY B 230 -1.51 -12.50 19.50
C GLY B 230 -1.63 -13.88 20.11
N ILE B 231 -1.25 -14.00 21.38
CA ILE B 231 -1.20 -15.28 22.05
C ILE B 231 -2.60 -15.68 22.49
N ALA B 232 -3.02 -16.90 22.13
CA ALA B 232 -4.22 -17.51 22.66
C ALA B 232 -3.82 -18.51 23.74
N ALA B 233 -4.11 -18.19 24.99
CA ALA B 233 -3.70 -19.00 26.13
C ALA B 233 -4.92 -19.53 26.87
N GLY B 234 -4.72 -20.60 27.62
CA GLY B 234 -5.74 -21.19 28.46
C GLY B 234 -5.99 -22.63 28.12
N GLU B 235 -7.03 -23.20 28.73
CA GLU B 235 -7.44 -24.55 28.44
C GLU B 235 -8.04 -24.64 27.03
N PRO B 236 -8.15 -25.84 26.46
CA PRO B 236 -8.68 -25.97 25.10
C PRO B 236 -10.02 -25.28 24.89
N ARG B 237 -10.92 -25.31 25.87
CA ARG B 237 -12.21 -24.66 25.71
C ARG B 237 -12.06 -23.14 25.57
N ARG B 238 -11.09 -22.56 26.28
CA ARG B 238 -10.81 -21.14 26.10
C ARG B 238 -10.19 -20.87 24.74
N ILE B 239 -9.29 -21.75 24.29
CA ILE B 239 -8.72 -21.63 22.96
C ILE B 239 -9.81 -21.73 21.90
N LYS B 240 -10.75 -22.66 22.09
CA LYS B 240 -11.86 -22.79 21.16
C LYS B 240 -12.69 -21.51 21.11
N GLU B 241 -12.99 -20.94 22.27
CA GLU B 241 -13.69 -19.67 22.32
C GLU B 241 -12.98 -18.60 21.51
N ILE B 242 -11.65 -18.53 21.63
CA ILE B 242 -10.89 -17.52 20.92
C ILE B 242 -10.95 -17.76 19.41
N ILE B 243 -10.74 -19.01 18.98
CA ILE B 243 -10.76 -19.32 17.55
C ILE B 243 -12.14 -19.03 16.97
N GLU B 244 -13.20 -19.36 17.72
CA GLU B 244 -14.54 -19.10 17.23
C GLU B 244 -14.80 -17.61 17.02
N SER B 245 -14.28 -16.78 17.92
CA SER B 245 -14.44 -15.33 17.76
C SER B 245 -13.73 -14.82 16.52
N GLN B 246 -12.57 -15.40 16.20
CA GLN B 246 -11.85 -14.98 14.99
C GLN B 246 -12.53 -15.49 13.73
N MET B 247 -13.22 -16.62 13.81
CA MET B 247 -13.94 -17.14 12.65
C MET B 247 -15.06 -16.21 12.22
N LEU B 248 -15.64 -15.46 13.16
CA LEU B 248 -16.73 -14.55 12.82
C LEU B 248 -16.26 -13.36 11.98
N ARG B 249 -14.96 -13.08 11.96
CA ARG B 249 -14.45 -11.85 11.37
C ARG B 249 -13.33 -12.10 10.36
N SER B 250 -13.22 -13.32 9.82
CA SER B 250 -12.07 -13.69 9.02
C SER B 250 -12.46 -14.49 7.79
N GLU B 251 -11.76 -14.19 6.69
CA GLU B 251 -11.71 -15.08 5.54
C GLU B 251 -10.51 -16.03 5.59
N ILE B 252 -9.49 -15.70 6.38
CA ILE B 252 -8.29 -16.52 6.54
C ILE B 252 -7.86 -16.47 8.00
N ILE B 253 -7.50 -17.63 8.55
CA ILE B 253 -6.96 -17.73 9.89
C ILE B 253 -5.59 -18.40 9.81
N VAL B 254 -4.62 -17.84 10.53
CA VAL B 254 -3.25 -18.37 10.56
C VAL B 254 -2.89 -18.59 12.02
N ILE B 255 -2.51 -19.83 12.37
CA ILE B 255 -2.19 -20.19 13.74
C ILE B 255 -0.81 -20.85 13.75
N THR B 256 0.10 -20.34 14.58
CA THR B 256 1.36 -21.04 14.83
C THR B 256 1.29 -21.77 16.15
N GLY B 257 2.11 -22.80 16.27
CA GLY B 257 2.16 -23.64 17.45
C GLY B 257 1.11 -24.73 17.51
N ALA B 258 0.32 -24.91 16.45
CA ALA B 258 -0.69 -25.97 16.40
C ALA B 258 -0.17 -27.26 15.78
N VAL B 259 1.06 -27.27 15.26
CA VAL B 259 1.71 -28.47 14.77
C VAL B 259 3.09 -28.56 15.39
N GLY B 260 3.57 -29.78 15.56
CA GLY B 260 4.87 -29.99 16.16
C GLY B 260 4.96 -31.27 16.96
N GLY B 261 3.94 -31.54 17.77
CA GLY B 261 3.94 -32.76 18.56
C GLY B 261 2.81 -32.79 19.56
N ALA B 262 3.05 -33.53 20.65
CA ALA B 262 2.01 -33.74 21.66
C ALA B 262 1.61 -32.44 22.35
N GLY B 263 2.50 -31.45 22.38
CA GLY B 263 2.20 -30.20 23.05
C GLY B 263 1.01 -29.46 22.46
N SER B 264 0.65 -29.76 21.22
CA SER B 264 -0.46 -29.09 20.55
C SER B 264 -1.64 -30.03 20.33
N ALA B 265 -1.69 -31.15 21.07
CA ALA B 265 -2.78 -32.10 20.90
C ALA B 265 -4.11 -31.47 21.30
N GLY B 266 -4.10 -30.64 22.34
CA GLY B 266 -5.34 -30.03 22.80
C GLY B 266 -5.89 -29.04 21.79
N VAL B 267 -5.02 -28.18 21.25
CA VAL B 267 -5.47 -27.19 20.28
C VAL B 267 -5.93 -27.87 18.99
N ARG B 268 -5.24 -28.95 18.60
CA ARG B 268 -5.68 -29.70 17.43
C ARG B 268 -7.00 -30.40 17.69
N GLN B 269 -7.24 -30.85 18.92
CA GLN B 269 -8.53 -31.44 19.26
C GLN B 269 -9.65 -30.41 19.08
N VAL B 270 -9.42 -29.19 19.54
CA VAL B 270 -10.44 -28.14 19.45
C VAL B 270 -10.64 -27.74 17.99
N LEU B 271 -9.55 -27.69 17.21
CA LEU B 271 -9.68 -27.40 15.79
C LEU B 271 -10.48 -28.48 15.07
N ASN B 272 -10.31 -29.75 15.48
CA ASN B 272 -11.09 -30.83 14.89
C ASN B 272 -12.57 -30.74 15.25
N GLU B 273 -12.89 -30.12 16.39
CA GLU B 273 -14.27 -29.88 16.75
C GLU B 273 -14.88 -28.74 15.95
N LEU B 274 -14.05 -27.85 15.40
CA LEU B 274 -14.52 -26.69 14.66
C LEU B 274 -14.52 -26.88 13.15
N GLY B 275 -13.81 -27.89 12.63
CA GLY B 275 -13.78 -28.08 11.19
C GLY B 275 -13.00 -29.32 10.80
N ASP B 276 -12.74 -29.41 9.50
CA ASP B 276 -11.97 -30.52 8.93
C ASP B 276 -10.49 -30.11 8.92
N ILE B 277 -9.68 -30.83 9.70
CA ILE B 277 -8.26 -30.50 9.86
C ILE B 277 -7.41 -31.55 9.17
N ASP B 278 -6.49 -31.09 8.31
CA ASP B 278 -5.55 -31.96 7.61
C ASP B 278 -4.14 -31.58 8.05
N THR B 279 -3.38 -32.55 8.55
CA THR B 279 -2.00 -32.31 8.99
C THR B 279 -1.00 -33.18 8.23
N GLU B 280 -1.30 -33.55 6.99
CA GLU B 280 -0.32 -34.25 6.17
C GLU B 280 0.82 -33.33 5.80
N ARG B 281 2.05 -33.83 5.93
CA ARG B 281 3.26 -33.09 5.64
C ARG B 281 3.36 -32.72 4.15
N VAL B 282 4.17 -31.69 3.87
CA VAL B 282 4.46 -31.24 2.51
C VAL B 282 5.92 -31.56 2.20
N ALA B 283 6.17 -32.06 0.98
CA ALA B 283 7.52 -32.43 0.54
C ALA B 283 8.31 -31.16 0.17
N MET B 284 8.64 -30.41 1.21
CA MET B 284 9.35 -29.14 1.09
C MET B 284 10.24 -28.93 2.30
N HIS B 285 11.21 -28.04 2.16
CA HIS B 285 12.07 -27.65 3.28
C HIS B 285 12.53 -26.21 3.09
N PRO B 286 12.53 -25.41 4.16
CA PRO B 286 12.01 -25.73 5.48
C PRO B 286 10.49 -25.74 5.45
N GLY B 287 9.83 -26.18 6.52
CA GLY B 287 8.38 -26.08 6.59
C GLY B 287 7.61 -27.32 6.17
N SER B 288 8.22 -28.50 6.21
CA SER B 288 7.49 -29.71 5.84
C SER B 288 6.32 -29.96 6.78
N VAL B 289 6.50 -29.67 8.06
CA VAL B 289 5.49 -29.91 9.07
C VAL B 289 4.57 -28.69 9.14
N GLN B 290 3.31 -28.89 8.80
CA GLN B 290 2.33 -27.82 8.68
C GLN B 290 0.96 -28.48 8.61
N GLY B 291 -0.08 -27.65 8.56
CA GLY B 291 -1.44 -28.17 8.50
C GLY B 291 -2.36 -27.18 7.84
N PHE B 292 -3.56 -27.67 7.54
CA PHE B 292 -4.56 -26.84 6.88
C PHE B 292 -5.94 -27.34 7.27
N GLY B 293 -6.83 -26.43 7.65
CA GLY B 293 -8.17 -26.81 8.02
C GLY B 293 -9.20 -25.85 7.47
N LEU B 294 -10.44 -26.32 7.45
CA LEU B 294 -11.59 -25.54 7.02
C LEU B 294 -12.57 -25.47 8.18
N LEU B 295 -12.79 -24.26 8.71
CA LEU B 295 -13.49 -24.05 9.97
C LEU B 295 -14.89 -23.51 9.76
N GLY B 296 -15.83 -24.03 10.53
CA GLY B 296 -17.19 -23.50 10.54
C GLY B 296 -17.97 -23.87 9.30
N GLU B 297 -19.21 -23.36 9.25
CA GLU B 297 -20.12 -23.70 8.16
C GLU B 297 -19.70 -23.11 6.83
N ASN B 298 -18.89 -22.07 6.82
CA ASN B 298 -18.36 -21.50 5.59
C ASN B 298 -16.98 -22.03 5.24
N LYS B 299 -16.44 -22.96 6.01
CA LYS B 299 -15.18 -23.64 5.69
C LYS B 299 -14.05 -22.64 5.46
N ILE B 300 -13.82 -21.82 6.48
CA ILE B 300 -12.80 -20.75 6.43
C ILE B 300 -11.40 -21.37 6.45
N PRO B 301 -10.53 -21.04 5.50
CA PRO B 301 -9.17 -21.57 5.52
C PRO B 301 -8.44 -21.23 6.82
N CYS B 302 -7.84 -22.25 7.42
CA CYS B 302 -7.07 -22.08 8.65
C CYS B 302 -5.72 -22.75 8.46
N PHE B 303 -4.66 -21.95 8.36
CA PHE B 303 -3.31 -22.47 8.15
C PHE B 303 -2.67 -22.77 9.50
N LEU B 304 -2.16 -23.98 9.65
CA LEU B 304 -1.47 -24.40 10.87
C LEU B 304 0.03 -24.40 10.57
N LEU B 305 0.73 -23.45 11.17
CA LEU B 305 2.15 -23.23 10.97
C LEU B 305 2.94 -23.65 12.20
N PRO B 306 4.23 -23.97 12.05
CA PRO B 306 5.02 -24.40 13.20
C PRO B 306 5.51 -23.20 14.02
N SER B 307 6.20 -23.52 15.12
CA SER B 307 6.74 -22.49 15.99
C SER B 307 7.98 -21.83 15.39
N ASN B 308 8.72 -22.56 14.57
CA ASN B 308 9.92 -22.05 13.91
C ASN B 308 9.60 -20.81 13.09
N PRO B 309 10.21 -19.65 13.38
CA PRO B 309 9.83 -18.42 12.66
C PRO B 309 10.25 -18.40 11.21
N VAL B 310 11.40 -18.99 10.88
CA VAL B 310 11.85 -19.02 9.48
C VAL B 310 10.96 -19.93 8.66
N ALA B 311 10.69 -21.13 9.18
CA ALA B 311 9.81 -22.06 8.47
C ALA B 311 8.42 -21.46 8.29
N SER B 312 7.91 -20.75 9.30
CA SER B 312 6.58 -20.16 9.20
C SER B 312 6.53 -19.11 8.10
N LEU B 313 7.57 -18.28 7.98
CA LEU B 313 7.61 -17.28 6.93
C LEU B 313 7.65 -17.93 5.55
N VAL B 314 8.38 -19.05 5.43
CA VAL B 314 8.46 -19.74 4.15
C VAL B 314 7.11 -20.35 3.79
N ILE B 315 6.45 -20.99 4.76
CA ILE B 315 5.11 -21.53 4.51
C ILE B 315 4.13 -20.43 4.17
N PHE B 316 4.18 -19.32 4.92
CA PHE B 316 3.29 -18.20 4.65
C PHE B 316 3.45 -17.71 3.22
N GLU B 317 4.69 -17.51 2.78
CA GLU B 317 4.94 -17.06 1.41
C GLU B 317 4.46 -18.08 0.37
N THR B 318 4.64 -19.36 0.65
CA THR B 318 4.39 -20.38 -0.36
C THR B 318 2.89 -20.68 -0.51
N PHE B 319 2.14 -20.62 0.57
CA PHE B 319 0.73 -21.05 0.53
C PHE B 319 -0.26 -19.98 0.98
N VAL B 320 0.09 -19.15 1.97
CA VAL B 320 -0.88 -18.18 2.46
C VAL B 320 -0.99 -16.99 1.50
N ARG B 321 0.16 -16.45 1.08
CA ARG B 321 0.14 -15.30 0.17
C ARG B 321 -0.64 -15.57 -1.11
N PRO B 322 -0.49 -16.70 -1.80
CA PRO B 322 -1.33 -16.91 -2.99
C PRO B 322 -2.82 -16.90 -2.69
N VAL B 323 -3.24 -17.39 -1.53
CA VAL B 323 -4.65 -17.34 -1.19
C VAL B 323 -5.10 -15.90 -1.00
N VAL B 324 -4.26 -15.07 -0.37
CA VAL B 324 -4.56 -13.65 -0.22
C VAL B 324 -4.71 -12.99 -1.58
N ARG B 325 -3.78 -13.27 -2.51
CA ARG B 325 -3.78 -12.56 -3.79
C ARG B 325 -5.00 -12.89 -4.63
N MET B 326 -5.44 -14.15 -4.64
CA MET B 326 -6.63 -14.49 -5.40
C MET B 326 -7.89 -13.96 -4.73
N SER B 327 -7.91 -13.91 -3.39
CA SER B 327 -9.04 -13.32 -2.68
C SER B 327 -9.19 -11.84 -3.00
N LEU B 328 -8.09 -11.18 -3.36
CA LEU B 328 -8.10 -9.78 -3.73
C LEU B 328 -8.59 -9.53 -5.15
N GLY B 329 -8.76 -10.57 -5.94
CA GLY B 329 -9.09 -10.39 -7.34
C GLY B 329 -7.90 -10.10 -8.22
N LYS B 330 -6.70 -10.43 -7.75
CA LYS B 330 -5.48 -10.23 -8.53
C LYS B 330 -5.35 -11.36 -9.55
N SER B 331 -4.71 -11.05 -10.67
CA SER B 331 -4.60 -12.06 -11.72
C SER B 331 -3.28 -12.81 -11.69
N ASN B 332 -2.20 -12.19 -11.21
CA ASN B 332 -0.96 -12.91 -10.96
C ASN B 332 -0.96 -13.35 -9.50
N ALA B 333 -1.17 -14.64 -9.26
CA ALA B 333 -1.12 -15.14 -7.89
C ALA B 333 0.32 -15.28 -7.41
N ALA B 334 1.14 -15.99 -8.18
CA ALA B 334 2.48 -16.36 -7.75
C ALA B 334 3.43 -15.16 -7.81
N ARG B 335 4.73 -15.44 -7.73
CA ARG B 335 5.79 -14.47 -7.81
C ARG B 335 6.54 -14.61 -9.14
N ARG B 336 7.29 -13.59 -9.50
CA ARG B 336 8.20 -13.70 -10.62
C ARG B 336 9.36 -14.61 -10.26
N VAL B 337 9.72 -15.50 -11.18
CA VAL B 337 10.84 -16.43 -11.01
C VAL B 337 11.88 -16.09 -12.06
N VAL B 338 13.11 -15.84 -11.61
CA VAL B 338 14.22 -15.54 -12.50
C VAL B 338 15.33 -16.58 -12.33
N ARG B 339 16.07 -16.82 -13.41
CA ARG B 339 17.23 -17.71 -13.38
C ARG B 339 18.46 -16.91 -12.96
N ALA B 340 19.20 -17.43 -11.97
CA ALA B 340 20.35 -16.72 -11.43
C ALA B 340 21.49 -17.71 -11.21
N ARG B 341 22.71 -17.17 -11.17
CA ARG B 341 23.91 -17.96 -10.94
C ARG B 341 24.17 -18.04 -9.44
N ALA B 342 24.30 -19.26 -8.93
CA ALA B 342 24.56 -19.45 -7.51
C ALA B 342 25.93 -18.92 -7.13
N LEU B 343 25.99 -18.24 -5.99
CA LEU B 343 27.25 -17.69 -5.50
C LEU B 343 27.89 -18.56 -4.43
N ASN B 344 27.12 -19.36 -3.70
CA ASN B 344 27.67 -20.19 -2.64
C ASN B 344 27.03 -21.57 -2.69
N HIS B 345 27.53 -22.47 -1.83
CA HIS B 345 27.06 -23.84 -1.79
C HIS B 345 25.78 -23.94 -0.97
N VAL B 346 24.82 -24.72 -1.47
CA VAL B 346 23.60 -25.02 -0.76
C VAL B 346 23.32 -26.52 -0.88
N VAL B 347 22.84 -27.12 0.20
CA VAL B 347 22.43 -28.53 0.21
C VAL B 347 20.92 -28.56 0.33
N SER B 348 20.32 -29.66 -0.16
CA SER B 348 18.88 -29.82 -0.16
C SER B 348 18.54 -31.28 0.09
N VAL B 349 17.37 -31.50 0.68
CA VAL B 349 16.94 -32.86 1.02
C VAL B 349 16.50 -33.57 -0.25
N ALA B 350 16.94 -34.81 -0.42
CA ALA B 350 16.51 -35.61 -1.55
C ALA B 350 15.02 -35.92 -1.41
N GLY B 351 14.23 -35.50 -2.38
CA GLY B 351 12.81 -35.77 -2.39
C GLY B 351 11.94 -34.65 -1.88
N ARG B 352 12.50 -33.50 -1.52
CA ARG B 352 11.72 -32.38 -1.02
C ARG B 352 12.17 -31.08 -1.69
N LYS B 353 11.20 -30.26 -2.07
CA LYS B 353 11.51 -29.02 -2.76
C LYS B 353 12.06 -28.01 -1.77
N GLY B 354 13.20 -27.41 -2.11
CA GLY B 354 13.87 -26.47 -1.22
C GLY B 354 13.48 -25.04 -1.51
N PHE B 355 13.27 -24.27 -0.45
CA PHE B 355 12.95 -22.84 -0.53
C PHE B 355 13.93 -22.11 0.38
N ILE B 356 15.03 -21.62 -0.19
CA ILE B 356 16.15 -21.11 0.58
C ILE B 356 16.15 -19.58 0.46
N ARG B 357 15.82 -18.90 1.56
CA ARG B 357 15.84 -17.44 1.56
C ARG B 357 17.23 -16.95 1.19
N SER B 358 17.28 -15.99 0.26
CA SER B 358 18.52 -15.65 -0.40
C SER B 358 18.52 -14.17 -0.76
N ARG B 359 19.68 -13.71 -1.21
CA ARG B 359 19.86 -12.34 -1.69
C ARG B 359 20.06 -12.40 -3.20
N LEU B 360 19.12 -11.81 -3.94
CA LEU B 360 19.16 -11.78 -5.39
C LEU B 360 19.71 -10.43 -5.84
N MET B 361 20.71 -10.46 -6.72
CA MET B 361 21.39 -9.25 -7.16
C MET B 361 21.66 -9.35 -8.67
N ARG B 362 21.91 -8.19 -9.26
CA ARG B 362 22.33 -8.12 -10.66
C ARG B 362 23.82 -7.80 -10.69
N ASP B 363 24.58 -8.61 -11.42
CA ASP B 363 26.02 -8.40 -11.53
C ASP B 363 26.30 -7.23 -12.46
N ALA B 364 26.93 -6.18 -11.94
CA ALA B 364 27.16 -4.98 -12.73
C ALA B 364 28.01 -5.25 -13.96
N GLU B 365 28.95 -6.19 -13.86
CA GLU B 365 29.87 -6.46 -14.95
C GLU B 365 29.23 -7.23 -16.10
N THR B 366 28.08 -7.86 -15.89
CA THR B 366 27.45 -8.64 -16.95
C THR B 366 25.92 -8.57 -16.96
N GLN B 367 25.30 -7.79 -16.08
CA GLN B 367 23.85 -7.71 -15.93
C GLN B 367 23.21 -9.06 -15.62
N ASP B 368 24.03 -10.06 -15.28
CA ASP B 368 23.51 -11.38 -14.94
C ASP B 368 23.00 -11.39 -13.51
N TYR B 369 21.97 -12.20 -13.27
CA TYR B 369 21.43 -12.36 -11.94
C TYR B 369 22.32 -13.29 -11.13
N LEU B 370 22.70 -12.87 -9.94
CA LEU B 370 23.43 -13.70 -9.01
C LEU B 370 22.60 -13.88 -7.75
N VAL B 371 22.77 -15.02 -7.08
CA VAL B 371 21.99 -15.30 -5.88
C VAL B 371 22.91 -15.87 -4.81
N GLU B 372 22.77 -15.35 -3.59
CA GLU B 372 23.53 -15.81 -2.43
C GLU B 372 22.57 -16.33 -1.38
N ALA B 373 22.74 -17.59 -0.99
CA ALA B 373 21.92 -18.18 0.06
C ALA B 373 22.36 -17.66 1.41
N LEU B 374 21.39 -17.34 2.27
CA LEU B 374 21.70 -16.84 3.61
C LEU B 374 21.59 -17.93 4.69
N HIS B 383 21.28 -18.98 14.56
CA HIS B 383 20.92 -19.21 13.15
C HIS B 383 19.68 -18.40 12.78
N LEU B 384 18.95 -17.96 13.80
CA LEU B 384 17.73 -17.18 13.57
C LEU B 384 18.07 -15.86 12.89
N LEU B 385 19.16 -15.22 13.31
CA LEU B 385 19.55 -13.95 12.72
C LEU B 385 19.80 -14.08 11.22
N ALA B 386 20.44 -15.17 10.79
CA ALA B 386 20.67 -15.34 9.36
C ALA B 386 19.37 -15.63 8.61
N GLY B 387 18.50 -16.45 9.21
CA GLY B 387 17.25 -16.79 8.53
C GLY B 387 16.30 -15.61 8.38
N LEU B 388 16.22 -14.77 9.41
CA LEU B 388 15.36 -13.60 9.43
C LEU B 388 16.03 -12.35 8.84
N SER B 389 17.19 -12.49 8.22
CA SER B 389 17.90 -11.34 7.65
C SER B 389 17.19 -10.77 6.42
N GLU B 390 17.92 -9.95 5.66
CA GLU B 390 17.37 -9.17 4.56
C GLU B 390 17.39 -10.03 3.30
N ALA B 391 16.25 -10.62 2.97
CA ALA B 391 16.12 -11.51 1.83
C ALA B 391 15.12 -10.93 0.82
N ASN B 392 15.53 -10.88 -0.44
CA ASN B 392 14.65 -10.48 -1.53
C ASN B 392 14.43 -11.63 -2.51
N GLY B 393 14.86 -12.84 -2.17
CA GLY B 393 14.68 -13.97 -3.05
C GLY B 393 14.65 -15.28 -2.27
N MET B 394 14.20 -16.32 -2.96
CA MET B 394 14.20 -17.67 -2.43
C MET B 394 14.67 -18.58 -3.56
N ILE B 395 15.78 -19.29 -3.36
CA ILE B 395 16.16 -20.32 -4.31
C ILE B 395 15.16 -21.46 -4.22
N ARG B 396 14.61 -21.85 -5.36
CA ARG B 396 13.67 -22.97 -5.42
C ARG B 396 14.40 -24.20 -5.95
N ILE B 397 14.67 -25.13 -5.06
CA ILE B 397 15.48 -26.31 -5.38
C ILE B 397 14.53 -27.47 -5.68
N PRO B 398 14.63 -28.10 -6.86
CA PRO B 398 13.75 -29.24 -7.17
C PRO B 398 13.91 -30.37 -6.17
N GLU B 399 12.87 -31.21 -6.07
CA GLU B 399 12.83 -32.26 -5.07
C GLU B 399 14.05 -33.16 -5.13
N ASP B 400 14.44 -33.59 -6.34
CA ASP B 400 15.52 -34.55 -6.49
C ASP B 400 16.92 -33.94 -6.42
N VAL B 401 17.04 -32.61 -6.48
CA VAL B 401 18.34 -31.96 -6.39
C VAL B 401 18.78 -31.90 -4.93
N THR B 402 20.01 -32.32 -4.65
CA THR B 402 20.54 -32.34 -3.29
C THR B 402 21.68 -31.35 -3.06
N GLU B 403 22.28 -30.79 -4.12
CA GLU B 403 23.42 -29.90 -3.97
C GLU B 403 23.36 -28.78 -5.00
N ILE B 404 23.65 -27.57 -4.53
CA ILE B 404 23.89 -26.42 -5.39
C ILE B 404 25.35 -26.01 -5.20
N ARG B 405 26.08 -25.84 -6.30
CA ARG B 405 27.45 -25.38 -6.22
C ARG B 405 27.59 -24.02 -6.89
N PRO B 406 28.59 -23.23 -6.50
CA PRO B 406 28.80 -21.93 -7.16
C PRO B 406 28.91 -22.09 -8.67
N GLY B 407 28.22 -21.21 -9.39
CA GLY B 407 28.16 -21.27 -10.84
C GLY B 407 26.94 -21.99 -11.38
N ASP B 408 26.22 -22.74 -10.55
CA ASP B 408 25.00 -23.39 -10.99
C ASP B 408 23.92 -22.34 -11.23
N VAL B 409 23.15 -22.53 -12.29
CA VAL B 409 22.01 -21.67 -12.58
C VAL B 409 20.79 -22.26 -11.89
N VAL B 410 20.11 -21.46 -11.07
CA VAL B 410 19.00 -21.93 -10.25
C VAL B 410 17.80 -21.02 -10.45
N ASP B 411 16.64 -21.55 -10.12
CA ASP B 411 15.41 -20.76 -10.09
C ASP B 411 15.35 -19.96 -8.80
N VAL B 412 15.10 -18.66 -8.91
CA VAL B 412 15.00 -17.79 -7.74
C VAL B 412 13.63 -17.12 -7.74
N ILE B 413 12.84 -17.37 -6.70
CA ILE B 413 11.60 -16.65 -6.51
C ILE B 413 11.92 -15.24 -6.03
N PHE B 414 11.47 -14.24 -6.78
CA PHE B 414 11.77 -12.83 -6.48
C PHE B 414 10.73 -12.28 -5.51
N LEU B 415 11.19 -11.93 -4.29
CA LEU B 415 10.31 -11.40 -3.26
C LEU B 415 10.24 -9.88 -3.40
N ALA B 416 9.36 -9.44 -4.30
CA ALA B 416 9.16 -8.01 -4.59
C ALA B 416 8.46 -7.29 -3.44
NA NA C . 5.71 21.26 -26.61
NA NA D . 15.68 -31.31 -2.97
C1 CIT E . 13.56 -31.90 8.91
O1 CIT E . 13.87 -32.63 7.94
O2 CIT E . 14.10 -32.08 10.01
C2 CIT E . 12.50 -30.82 8.77
C3 CIT E . 13.02 -29.62 7.96
O7 CIT E . 13.72 -30.10 6.77
C4 CIT E . 13.95 -28.74 8.80
C5 CIT E . 14.64 -27.66 7.97
O3 CIT E . 14.67 -27.72 6.72
O4 CIT E . 15.20 -26.70 8.53
C6 CIT E . 11.79 -28.84 7.51
O5 CIT E . 11.21 -29.15 6.45
O6 CIT E . 11.34 -27.90 8.22
#